data_3EFB
#
_entry.id   3EFB
#
_cell.length_a   69.536
_cell.length_b   238.463
_cell.length_c   53.759
_cell.angle_alpha   90.00
_cell.angle_beta   90.00
_cell.angle_gamma   90.00
#
_symmetry.space_group_name_H-M   'P 21 21 2'
#
loop_
_entity.id
_entity.type
_entity.pdbx_description
1 polymer 'Probable sor-operon regulator'
2 non-polymer 'ACETIC ACID'
3 water water
#
_entity_poly.entity_id   1
_entity_poly.type   'polypeptide(L)'
_entity_poly.pdbx_seq_one_letter_code
;GVTIAINYDYNENLWLEQQLKQKFGLKDVVVVSGNDEDEETQLA(MSE)(MSE)GLHGAQLLDRLLEPGDIVGFSWGRAV
SALVENLPQAGQSRQLICVPIIGGPSGKLESRYHVNTLTYSAAAKLKGESHLADFPALLDNPLIRNGI(MSE)QSQHFKT
ISAYWDNLDIALVGIGSPAIRDGANWHAFYGGEESDDLNARQVAGDICSRFFDIHGA(MSE)VETN(MSE)SEKTLSIE
(MSE)NKLKQARYSIGIA(MSE)SEEKYSGIIGALRGKYINCLVTNSSTAELLLK
;
_entity_poly.pdbx_strand_id   A,B,C,D
#
# COMPACT_ATOMS: atom_id res chain seq x y z
N GLU A 12 24.37 6.52 -24.30
CA GLU A 12 23.38 6.03 -25.27
C GLU A 12 23.46 6.77 -26.62
N ASN A 13 23.21 8.07 -26.61
CA ASN A 13 23.30 8.87 -27.83
C ASN A 13 24.13 10.14 -27.56
N LEU A 14 25.39 9.98 -27.15
CA LEU A 14 26.15 11.11 -26.63
C LEU A 14 26.46 12.17 -27.69
N TRP A 15 26.70 11.76 -28.93
CA TRP A 15 26.99 12.76 -29.95
C TRP A 15 25.76 13.62 -30.25
N LEU A 16 24.61 12.99 -30.40
CA LEU A 16 23.38 13.74 -30.66
C LEU A 16 23.09 14.75 -29.56
N GLU A 17 23.31 14.31 -28.31
CA GLU A 17 23.12 15.17 -27.15
C GLU A 17 24.07 16.38 -27.17
N GLN A 18 25.33 16.14 -27.49
CA GLN A 18 26.32 17.21 -27.57
C GLN A 18 26.01 18.15 -28.75
N GLN A 19 25.56 17.58 -29.87
CA GLN A 19 25.20 18.41 -31.03
C GLN A 19 24.06 19.39 -30.68
N LEU A 20 23.05 18.89 -29.98
CA LEU A 20 21.96 19.75 -29.52
C LEU A 20 22.45 20.77 -28.51
N LYS A 21 23.29 20.34 -27.57
CA LYS A 21 23.81 21.26 -26.58
C LYS A 21 24.53 22.42 -27.27
N GLN A 22 25.32 22.09 -28.27
CA GLN A 22 26.18 23.09 -28.90
C GLN A 22 25.37 24.03 -29.80
N LYS A 23 24.44 23.47 -30.56
CA LYS A 23 23.66 24.30 -31.49
C LYS A 23 22.78 25.30 -30.75
N PHE A 24 22.17 24.85 -29.65
CA PHE A 24 21.10 25.61 -28.97
C PHE A 24 21.49 26.21 -27.63
N GLY A 25 22.70 25.92 -27.18
CA GLY A 25 23.21 26.49 -25.95
C GLY A 25 22.54 25.91 -24.72
N LEU A 26 22.33 24.60 -24.72
CA LEU A 26 21.60 23.94 -23.64
C LEU A 26 22.54 23.50 -22.53
N LYS A 27 22.06 23.46 -21.30
CA LYS A 27 22.86 22.96 -20.19
C LYS A 27 22.96 21.44 -20.15
N ASP A 28 21.84 20.78 -20.47
N ASP A 28 21.86 20.77 -20.51
CA ASP A 28 21.72 19.32 -20.40
CA ASP A 28 21.82 19.32 -20.45
C ASP A 28 20.71 18.80 -21.41
C ASP A 28 20.71 18.77 -21.35
N VAL A 29 20.92 17.57 -21.88
CA VAL A 29 20.06 17.03 -22.93
C VAL A 29 20.05 15.55 -22.72
N VAL A 30 18.88 14.93 -22.91
CA VAL A 30 18.74 13.48 -22.92
C VAL A 30 18.13 13.08 -24.28
N VAL A 31 18.78 12.18 -25.01
CA VAL A 31 18.21 11.70 -26.26
C VAL A 31 18.09 10.20 -26.15
N VAL A 32 16.88 9.69 -26.16
CA VAL A 32 16.69 8.26 -26.00
C VAL A 32 16.55 7.61 -27.37
N SER A 33 17.00 6.36 -27.50
CA SER A 33 16.86 5.66 -28.77
C SER A 33 15.50 4.97 -28.87
N GLY A 34 14.62 5.46 -29.74
CA GLY A 34 13.36 4.78 -29.98
C GLY A 34 13.46 3.73 -31.09
N ASN A 35 13.57 2.47 -30.68
CA ASN A 35 13.81 1.39 -31.64
C ASN A 35 12.58 0.97 -32.44
N ASP A 36 12.17 1.83 -33.36
CA ASP A 36 11.02 1.53 -34.19
C ASP A 36 9.78 1.39 -33.31
N GLU A 37 9.97 1.59 -32.01
CA GLU A 37 8.87 1.36 -31.07
C GLU A 37 7.83 2.47 -31.16
N ASP A 38 6.62 2.16 -30.71
CA ASP A 38 5.49 3.05 -30.93
C ASP A 38 5.57 4.27 -30.06
N GLU A 39 4.67 5.21 -30.30
CA GLU A 39 4.73 6.50 -29.65
C GLU A 39 4.65 6.46 -28.12
N GLU A 40 3.60 5.85 -27.58
CA GLU A 40 3.40 5.83 -26.13
C GLU A 40 4.60 5.21 -25.41
N THR A 41 5.16 4.18 -26.03
CA THR A 41 6.31 3.49 -25.48
C THR A 41 7.55 4.40 -25.47
N GLN A 42 7.69 5.17 -26.55
CA GLN A 42 8.82 6.05 -26.73
C GLN A 42 8.75 7.16 -25.70
N LEU A 43 7.57 7.74 -25.55
CA LEU A 43 7.28 8.69 -24.50
C LEU A 43 7.60 8.20 -23.08
N ALA A 44 7.21 6.97 -22.76
CA ALA A 44 7.53 6.41 -21.45
C ALA A 44 9.06 6.34 -21.24
N GLY A 47 10.19 9.67 -20.45
CA GLY A 47 9.79 9.93 -19.08
C GLY A 47 10.81 9.34 -18.14
N LEU A 48 11.14 8.07 -18.35
CA LEU A 48 12.07 7.40 -17.46
C LEU A 48 13.45 8.07 -17.44
N HIS A 49 14.03 8.36 -18.60
CA HIS A 49 15.38 8.95 -18.56
C HIS A 49 15.36 10.43 -18.21
N GLY A 50 14.29 11.12 -18.59
CA GLY A 50 14.10 12.47 -18.12
C GLY A 50 13.98 12.56 -16.61
N ALA A 51 13.34 11.59 -15.99
CA ALA A 51 13.19 11.60 -14.53
C ALA A 51 14.55 11.46 -13.86
N GLN A 52 15.39 10.62 -14.44
CA GLN A 52 16.73 10.43 -13.88
C GLN A 52 17.50 11.74 -13.98
N LEU A 53 17.37 12.44 -15.11
CA LEU A 53 17.99 13.76 -15.24
C LEU A 53 17.46 14.73 -14.21
N LEU A 54 16.13 14.86 -14.07
CA LEU A 54 15.57 15.80 -13.09
C LEU A 54 16.10 15.52 -11.68
N ASP A 55 16.08 14.24 -11.30
CA ASP A 55 16.51 13.84 -9.96
C ASP A 55 17.98 14.18 -9.71
N ARG A 56 18.78 14.09 -10.77
N ARG A 56 18.83 14.06 -10.74
CA ARG A 56 20.20 14.40 -10.74
CA ARG A 56 20.24 14.44 -10.63
C ARG A 56 20.45 15.91 -10.56
C ARG A 56 20.37 15.94 -10.42
N LEU A 57 19.57 16.72 -11.14
CA LEU A 57 19.77 18.17 -11.16
C LEU A 57 19.23 18.90 -9.95
N LEU A 58 18.35 18.26 -9.19
CA LEU A 58 17.73 18.94 -8.04
C LEU A 58 18.75 19.36 -6.97
N GLU A 59 18.51 20.52 -6.36
CA GLU A 59 19.26 20.93 -5.17
C GLU A 59 18.31 21.15 -3.99
N PRO A 60 18.80 20.93 -2.74
CA PRO A 60 18.02 21.16 -1.52
C PRO A 60 17.30 22.49 -1.53
N GLY A 61 16.02 22.47 -1.17
CA GLY A 61 15.19 23.66 -1.19
C GLY A 61 14.71 24.13 -2.56
N ASP A 62 15.01 23.40 -3.63
CA ASP A 62 14.50 23.80 -4.96
C ASP A 62 12.99 23.95 -4.98
N ILE A 63 12.55 25.03 -5.59
CA ILE A 63 11.15 25.20 -5.99
C ILE A 63 10.97 24.65 -7.42
N VAL A 64 10.19 23.58 -7.54
CA VAL A 64 10.03 22.83 -8.78
C VAL A 64 8.64 23.04 -9.40
N GLY A 65 8.60 23.62 -10.60
CA GLY A 65 7.35 24.02 -11.25
C GLY A 65 6.95 23.02 -12.33
N PHE A 66 5.65 22.70 -12.43
CA PHE A 66 5.20 21.66 -13.35
C PHE A 66 4.11 22.26 -14.26
N SER A 67 4.20 21.96 -15.54
CA SER A 67 3.09 22.25 -16.45
C SER A 67 2.24 21.00 -16.55
N TRP A 68 1.21 21.03 -17.40
CA TRP A 68 0.32 19.89 -17.45
C TRP A 68 0.68 18.99 -18.63
N GLY A 69 -0.05 17.89 -18.80
CA GLY A 69 0.01 17.16 -20.06
C GLY A 69 0.68 15.83 -19.92
N ARG A 70 0.57 14.98 -20.94
N ARG A 70 0.54 15.02 -20.98
CA ARG A 70 1.05 13.61 -20.83
CA ARG A 70 1.00 13.64 -21.00
C ARG A 70 2.56 13.45 -21.03
C ARG A 70 2.53 13.55 -20.92
N ALA A 71 3.23 14.48 -21.54
CA ALA A 71 4.69 14.40 -21.60
C ALA A 71 5.29 14.64 -20.21
N VAL A 72 4.85 15.69 -19.54
CA VAL A 72 5.27 15.92 -18.18
C VAL A 72 4.81 14.75 -17.30
N SER A 73 3.64 14.17 -17.59
CA SER A 73 3.16 13.05 -16.78
C SER A 73 4.08 11.84 -16.86
N ALA A 74 4.51 11.50 -18.08
CA ALA A 74 5.45 10.41 -18.32
C ALA A 74 6.68 10.55 -17.42
N LEU A 75 7.20 11.76 -17.30
CA LEU A 75 8.34 11.99 -16.44
C LEU A 75 7.99 11.79 -14.96
N VAL A 76 6.92 12.46 -14.52
CA VAL A 76 6.48 12.37 -13.14
C VAL A 76 6.20 10.93 -12.72
N GLU A 77 5.44 10.20 -13.53
CA GLU A 77 5.15 8.79 -13.25
C GLU A 77 6.43 7.97 -13.03
N ASN A 78 7.54 8.39 -13.63
CA ASN A 78 8.78 7.63 -13.51
C ASN A 78 9.82 8.19 -12.55
N LEU A 79 9.47 9.22 -11.77
CA LEU A 79 10.39 9.67 -10.73
C LEU A 79 10.67 8.53 -9.77
N PRO A 80 11.96 8.39 -9.40
CA PRO A 80 12.41 7.47 -8.35
C PRO A 80 11.81 7.91 -7.03
N GLN A 81 11.36 6.97 -6.21
CA GLN A 81 10.83 7.36 -4.92
C GLN A 81 11.98 7.76 -4.00
N ALA A 82 12.01 9.01 -3.56
CA ALA A 82 13.06 9.49 -2.67
C ALA A 82 12.89 8.87 -1.28
N GLY A 83 14.01 8.49 -0.66
CA GLY A 83 14.01 8.05 0.72
C GLY A 83 14.11 9.22 1.69
N GLN A 84 14.80 10.29 1.28
CA GLN A 84 14.98 11.48 2.13
C GLN A 84 14.42 12.75 1.48
N SER A 85 13.84 13.65 2.27
CA SER A 85 13.43 14.95 1.77
C SER A 85 14.66 15.78 1.39
N ARG A 86 14.55 16.55 0.31
CA ARG A 86 15.54 17.55 -0.05
C ARG A 86 14.91 18.92 0.12
N GLN A 87 13.97 18.99 1.06
CA GLN A 87 13.14 20.19 1.29
C GLN A 87 12.58 20.78 0.01
N LEU A 88 12.19 19.94 -0.94
CA LEU A 88 11.67 20.42 -2.23
C LEU A 88 10.22 20.92 -2.15
N ILE A 89 9.91 21.92 -2.95
CA ILE A 89 8.55 22.46 -2.98
C ILE A 89 8.06 22.36 -4.41
N CYS A 90 6.96 21.63 -4.63
CA CYS A 90 6.43 21.46 -5.97
C CYS A 90 5.21 22.33 -6.22
N VAL A 91 5.18 22.98 -7.39
CA VAL A 91 4.08 23.88 -7.71
C VAL A 91 3.73 23.78 -9.18
N PRO A 92 2.45 24.01 -9.49
CA PRO A 92 2.01 24.15 -10.89
C PRO A 92 2.53 25.47 -11.44
N ILE A 93 2.94 25.52 -12.70
CA ILE A 93 3.23 26.83 -13.29
C ILE A 93 2.19 27.24 -14.32
N ILE A 94 1.02 26.61 -14.24
CA ILE A 94 -0.13 27.00 -15.06
C ILE A 94 -1.39 26.62 -14.28
N GLY A 95 -2.50 27.31 -14.54
CA GLY A 95 -3.76 26.99 -13.92
C GLY A 95 -4.31 25.69 -14.45
N GLY A 96 -5.47 25.30 -13.94
CA GLY A 96 -6.12 24.08 -14.37
C GLY A 96 -6.64 24.17 -15.79
N PRO A 97 -6.83 23.01 -16.45
CA PRO A 97 -7.27 22.93 -17.85
C PRO A 97 -8.78 23.11 -18.06
N SER A 98 -9.53 23.35 -17.00
CA SER A 98 -10.98 23.45 -17.10
C SER A 98 -11.62 22.28 -17.90
N GLY A 99 -11.27 21.06 -17.54
CA GLY A 99 -11.88 19.88 -18.15
C GLY A 99 -11.39 19.58 -19.56
N LYS A 100 -10.42 20.34 -20.04
CA LYS A 100 -9.87 20.11 -21.39
C LYS A 100 -8.83 18.99 -21.44
N LEU A 101 -8.40 18.50 -20.27
CA LEU A 101 -7.50 17.34 -20.18
C LEU A 101 -8.15 16.37 -19.22
N GLU A 102 -7.91 15.07 -19.42
CA GLU A 102 -8.26 14.06 -18.40
C GLU A 102 -7.55 14.40 -17.09
N SER A 103 -8.19 14.05 -15.99
CA SER A 103 -7.67 14.32 -14.66
C SER A 103 -6.25 13.81 -14.49
N ARG A 104 -5.95 12.70 -15.14
N ARG A 104 -5.94 12.69 -15.12
CA ARG A 104 -4.64 12.07 -15.09
CA ARG A 104 -4.61 12.11 -14.97
C ARG A 104 -3.53 13.08 -15.40
C ARG A 104 -3.50 13.08 -15.40
N TYR A 105 -3.82 14.02 -16.28
CA TYR A 105 -2.80 14.95 -16.82
C TYR A 105 -2.96 16.36 -16.33
N HIS A 106 -3.88 16.54 -15.39
CA HIS A 106 -4.09 17.81 -14.75
C HIS A 106 -2.78 18.27 -14.06
N VAL A 107 -2.45 19.54 -14.21
CA VAL A 107 -1.24 20.08 -13.58
C VAL A 107 -1.21 19.82 -12.06
N ASN A 108 -2.36 19.94 -11.37
CA ASN A 108 -2.37 19.67 -9.94
C ASN A 108 -2.11 18.20 -9.60
N THR A 109 -2.61 17.32 -10.46
CA THR A 109 -2.42 15.88 -10.29
C THR A 109 -0.92 15.59 -10.37
N LEU A 110 -0.27 16.19 -11.36
CA LEU A 110 1.15 15.94 -11.61
C LEU A 110 2.02 16.50 -10.50
N THR A 111 1.70 17.71 -10.08
CA THR A 111 2.40 18.36 -8.98
C THR A 111 2.33 17.57 -7.68
N TYR A 112 1.11 17.16 -7.32
CA TYR A 112 0.92 16.39 -6.11
C TYR A 112 1.68 15.08 -6.16
N SER A 113 1.56 14.38 -7.28
CA SER A 113 2.27 13.11 -7.44
C SER A 113 3.81 13.31 -7.43
N ALA A 114 4.29 14.37 -8.04
CA ALA A 114 5.75 14.63 -8.01
C ALA A 114 6.22 14.84 -6.57
N ALA A 115 5.45 15.58 -5.79
CA ALA A 115 5.81 15.87 -4.42
C ALA A 115 5.92 14.59 -3.58
N ALA A 116 5.03 13.64 -3.84
CA ALA A 116 5.07 12.38 -3.12
C ALA A 116 6.36 11.61 -3.45
N LYS A 117 6.68 11.52 -4.73
CA LYS A 117 7.86 10.80 -5.14
C LYS A 117 9.11 11.51 -4.64
N LEU A 118 9.07 12.83 -4.60
CA LEU A 118 10.24 13.62 -4.17
C LEU A 118 10.27 13.89 -2.66
N LYS A 119 9.32 13.31 -1.92
CA LYS A 119 9.14 13.59 -0.48
C LYS A 119 9.17 15.10 -0.19
N GLY A 120 8.53 15.88 -1.04
CA GLY A 120 8.49 17.32 -0.83
C GLY A 120 7.08 17.73 -0.46
N GLU A 121 6.82 19.04 -0.53
N GLU A 121 6.82 19.04 -0.50
CA GLU A 121 5.51 19.59 -0.23
CA GLU A 121 5.47 19.53 -0.24
C GLU A 121 4.96 20.17 -1.52
C GLU A 121 4.96 20.04 -1.58
N SER A 122 3.64 20.14 -1.71
CA SER A 122 3.03 20.70 -2.92
C SER A 122 2.06 21.82 -2.54
N HIS A 123 1.99 22.82 -3.40
CA HIS A 123 0.98 23.87 -3.28
C HIS A 123 0.19 23.88 -4.56
N LEU A 124 -1.05 23.44 -4.46
CA LEU A 124 -1.88 23.27 -5.66
C LEU A 124 -2.58 24.56 -6.07
N ALA A 125 -2.88 24.68 -7.35
CA ALA A 125 -3.47 25.92 -7.88
C ALA A 125 -4.98 25.75 -8.07
N ASP A 126 -5.75 26.64 -7.45
CA ASP A 126 -7.20 26.55 -7.51
C ASP A 126 -7.72 27.71 -8.38
N PHE A 127 -7.15 27.82 -9.57
CA PHE A 127 -7.68 28.74 -10.57
C PHE A 127 -7.41 28.07 -11.90
N PRO A 128 -8.22 28.44 -12.92
CA PRO A 128 -8.09 27.91 -14.28
C PRO A 128 -6.99 28.60 -15.05
N ALA A 129 -6.43 27.91 -16.05
CA ALA A 129 -5.43 28.48 -16.95
C ALA A 129 -6.04 29.51 -17.91
N LEU A 130 -7.30 29.31 -18.29
CA LEU A 130 -7.90 30.13 -19.33
C LEU A 130 -9.30 30.55 -18.87
N LEU A 131 -9.58 31.85 -18.92
N LEU A 131 -9.58 31.85 -18.92
CA LEU A 131 -10.87 32.36 -18.49
CA LEU A 131 -10.87 32.36 -18.48
C LEU A 131 -11.68 32.91 -19.65
C LEU A 131 -11.69 32.92 -19.64
N ASP A 132 -12.99 33.10 -19.42
CA ASP A 132 -13.89 33.60 -20.46
C ASP A 132 -13.55 35.02 -20.86
N ASN A 133 -13.14 35.82 -19.89
CA ASN A 133 -12.90 37.23 -20.17
C ASN A 133 -11.81 37.80 -19.27
N PRO A 134 -11.24 38.97 -19.65
CA PRO A 134 -10.09 39.55 -18.92
C PRO A 134 -10.43 40.03 -17.50
N LEU A 135 -11.67 40.46 -17.30
CA LEU A 135 -12.14 40.94 -15.99
C LEU A 135 -11.96 39.86 -14.93
N ILE A 136 -12.48 38.67 -15.21
CA ILE A 136 -12.38 37.58 -14.26
C ILE A 136 -10.92 37.19 -14.04
N ARG A 137 -10.12 37.22 -15.10
CA ARG A 137 -8.77 36.71 -14.97
C ARG A 137 -7.92 37.71 -14.18
N ASN A 138 -8.18 38.99 -14.41
CA ASN A 138 -7.56 40.01 -13.59
C ASN A 138 -7.99 39.98 -12.11
N GLY A 139 -9.27 39.68 -11.86
CA GLY A 139 -9.76 39.58 -10.50
C GLY A 139 -9.10 38.43 -9.73
N ILE A 140 -8.96 37.31 -10.39
CA ILE A 140 -8.31 36.19 -9.75
C ILE A 140 -6.86 36.57 -9.42
N GLN A 142 -5.73 39.21 -8.36
CA GLN A 142 -5.64 40.08 -7.19
C GLN A 142 -5.86 39.30 -5.91
N SER A 143 -6.16 38.02 -6.07
CA SER A 143 -6.49 37.19 -4.94
C SER A 143 -5.22 36.74 -4.21
N GLN A 144 -5.34 36.53 -2.91
CA GLN A 144 -4.21 36.12 -2.09
C GLN A 144 -3.62 34.78 -2.55
N HIS A 145 -4.50 33.84 -2.89
CA HIS A 145 -4.07 32.52 -3.33
C HIS A 145 -3.22 32.63 -4.58
N PHE A 146 -3.69 33.42 -5.55
CA PHE A 146 -2.96 33.54 -6.80
C PHE A 146 -1.64 34.22 -6.53
N LYS A 147 -1.66 35.25 -5.68
CA LYS A 147 -0.39 35.93 -5.39
C LYS A 147 0.63 34.97 -4.79
N THR A 148 0.17 34.10 -3.88
CA THR A 148 1.04 33.11 -3.25
C THR A 148 1.67 32.18 -4.29
N ILE A 149 0.88 31.63 -5.19
CA ILE A 149 1.42 30.76 -6.21
C ILE A 149 2.34 31.52 -7.14
N SER A 150 1.94 32.72 -7.51
CA SER A 150 2.73 33.47 -8.47
C SER A 150 4.07 33.91 -7.88
N ALA A 151 4.12 33.99 -6.54
CA ALA A 151 5.37 34.26 -5.83
C ALA A 151 6.38 33.12 -6.02
N TYR A 152 5.92 31.87 -6.09
CA TYR A 152 6.81 30.74 -6.37
C TYR A 152 7.31 30.83 -7.80
N TRP A 153 6.45 31.26 -8.72
CA TRP A 153 6.88 31.41 -10.10
C TRP A 153 8.01 32.42 -10.19
N ASP A 154 7.95 33.45 -9.34
CA ASP A 154 8.93 34.56 -9.41
C ASP A 154 10.32 34.14 -8.99
N ASN A 155 10.39 33.06 -8.23
N ASN A 155 10.42 33.07 -8.20
CA ASN A 155 11.65 32.52 -7.76
CA ASN A 155 11.74 32.55 -7.86
C ASN A 155 11.73 31.01 -7.96
C ASN A 155 11.77 31.04 -7.98
N LEU A 156 11.48 30.57 -9.18
CA LEU A 156 11.48 29.16 -9.52
C LEU A 156 12.91 28.65 -9.75
N ASP A 157 13.18 27.41 -9.33
CA ASP A 157 14.52 26.85 -9.51
C ASP A 157 14.57 25.91 -10.70
N ILE A 158 13.55 25.06 -10.85
CA ILE A 158 13.53 24.11 -11.95
C ILE A 158 12.10 24.02 -12.48
N ALA A 159 11.94 24.01 -13.80
CA ALA A 159 10.61 23.82 -14.38
C ALA A 159 10.62 22.59 -15.28
N LEU A 160 9.48 21.92 -15.33
N LEU A 160 9.50 21.90 -15.33
CA LEU A 160 9.27 20.80 -16.24
CA LEU A 160 9.26 20.79 -16.25
C LEU A 160 8.06 21.13 -17.10
C LEU A 160 8.08 21.14 -17.11
N VAL A 161 8.28 21.20 -18.41
CA VAL A 161 7.23 21.63 -19.32
C VAL A 161 7.15 20.73 -20.55
N GLY A 162 5.94 20.58 -21.07
CA GLY A 162 5.80 20.00 -22.40
C GLY A 162 5.76 21.15 -23.39
N ILE A 163 5.85 20.82 -24.67
CA ILE A 163 5.79 21.83 -25.73
C ILE A 163 4.66 21.49 -26.72
N GLY A 164 3.70 22.40 -26.83
CA GLY A 164 2.56 22.17 -27.72
C GLY A 164 2.90 22.56 -29.15
N SER A 165 2.20 21.96 -30.11
CA SER A 165 2.41 22.29 -31.51
C SER A 165 1.07 22.22 -32.24
N PRO A 166 1.01 22.73 -33.47
CA PRO A 166 -0.25 22.47 -34.19
C PRO A 166 -0.34 21.00 -34.60
N ALA A 176 -9.27 22.12 -31.44
CA ALA A 176 -9.30 20.98 -30.52
C ALA A 176 -9.21 21.41 -29.04
N PHE A 177 -7.98 21.67 -28.58
CA PHE A 177 -7.77 22.13 -27.20
C PHE A 177 -8.10 23.61 -27.02
N TYR A 178 -7.83 24.42 -28.04
CA TYR A 178 -8.06 25.86 -27.97
C TYR A 178 -9.27 26.30 -28.83
N GLY A 179 -9.86 25.35 -29.56
CA GLY A 179 -10.98 25.66 -30.43
C GLY A 179 -10.57 26.04 -31.86
N GLY A 180 -11.38 25.63 -32.84
CA GLY A 180 -11.03 25.79 -34.24
C GLY A 180 -10.75 27.22 -34.69
N GLU A 181 -11.50 28.16 -34.14
CA GLU A 181 -11.32 29.58 -34.45
C GLU A 181 -10.02 30.12 -33.89
N GLU A 182 -9.75 29.81 -32.62
CA GLU A 182 -8.50 30.21 -31.98
C GLU A 182 -7.34 29.52 -32.70
N SER A 183 -7.49 28.21 -32.94
CA SER A 183 -6.55 27.42 -33.71
C SER A 183 -6.20 28.07 -35.06
N ASP A 184 -7.21 28.47 -35.81
CA ASP A 184 -7.01 29.16 -37.09
C ASP A 184 -6.26 30.48 -36.91
N ASP A 185 -6.62 31.24 -35.88
CA ASP A 185 -5.93 32.49 -35.57
C ASP A 185 -4.43 32.21 -35.28
N LEU A 186 -4.17 31.11 -34.57
CA LEU A 186 -2.81 30.72 -34.26
C LEU A 186 -2.05 30.45 -35.55
N ASN A 187 -2.67 29.69 -36.44
CA ASN A 187 -2.06 29.35 -37.72
C ASN A 187 -1.75 30.60 -38.53
N ALA A 188 -2.67 31.57 -38.50
CA ALA A 188 -2.51 32.82 -39.23
C ALA A 188 -1.44 33.72 -38.59
N ARG A 189 -1.20 33.54 -37.30
CA ARG A 189 -0.23 34.37 -36.63
C ARG A 189 1.14 33.72 -36.62
N GLN A 190 1.27 32.65 -37.40
CA GLN A 190 2.57 32.00 -37.59
C GLN A 190 3.03 31.36 -36.30
N VAL A 191 2.11 30.94 -35.45
CA VAL A 191 2.48 30.36 -34.17
C VAL A 191 2.96 28.94 -34.40
N ALA A 192 4.16 28.65 -33.91
CA ALA A 192 4.77 27.35 -34.16
C ALA A 192 4.59 26.42 -32.95
N GLY A 193 4.42 27.01 -31.78
CA GLY A 193 4.24 26.20 -30.58
C GLY A 193 3.94 26.99 -29.32
N ASP A 194 3.72 26.30 -28.20
CA ASP A 194 3.46 26.98 -26.95
C ASP A 194 4.12 26.28 -25.77
N ILE A 195 4.42 27.05 -24.73
CA ILE A 195 4.77 26.50 -23.43
C ILE A 195 3.86 27.16 -22.39
N CYS A 196 3.20 26.36 -21.58
CA CYS A 196 2.24 26.89 -20.59
C CYS A 196 1.27 27.83 -21.26
N SER A 197 0.86 27.46 -22.47
N SER A 197 0.91 27.50 -22.49
CA SER A 197 -0.07 28.21 -23.29
CA SER A 197 -0.09 28.22 -23.27
C SER A 197 0.37 29.66 -23.50
C SER A 197 0.36 29.62 -23.69
N ARG A 198 1.67 29.80 -23.75
CA ARG A 198 2.22 31.03 -24.26
C ARG A 198 2.94 30.70 -25.56
N PHE A 199 2.57 31.42 -26.62
CA PHE A 199 2.86 30.99 -27.99
C PHE A 199 4.03 31.74 -28.61
N PHE A 200 4.75 31.08 -29.52
CA PHE A 200 5.92 31.66 -30.16
C PHE A 200 6.06 31.17 -31.61
N ASP A 201 6.76 31.92 -32.45
CA ASP A 201 6.94 31.50 -33.83
C ASP A 201 8.10 30.54 -34.00
N ILE A 202 8.39 30.18 -35.26
CA ILE A 202 9.36 29.12 -35.49
C ILE A 202 10.79 29.55 -35.11
N HIS A 203 11.03 30.85 -35.01
CA HIS A 203 12.34 31.40 -34.68
C HIS A 203 12.42 31.65 -33.19
N GLY A 204 11.39 31.18 -32.47
CA GLY A 204 11.34 31.33 -31.03
C GLY A 204 10.85 32.68 -30.51
N ALA A 205 10.46 33.58 -31.41
CA ALA A 205 9.93 34.86 -30.94
C ALA A 205 8.51 34.73 -30.37
N VAL A 207 4.67 35.47 -29.64
CA VAL A 207 3.56 36.05 -30.36
C VAL A 207 2.35 36.17 -29.45
N GLU A 208 1.77 37.36 -29.39
N GLU A 208 1.80 37.38 -29.37
CA GLU A 208 0.61 37.55 -28.53
CA GLU A 208 0.59 37.58 -28.57
C GLU A 208 -0.70 37.30 -29.28
C GLU A 208 -0.61 37.09 -29.34
N THR A 209 -1.63 36.62 -28.62
CA THR A 209 -2.83 36.10 -29.25
C THR A 209 -4.05 36.61 -28.51
N ASN A 210 -5.24 36.40 -29.08
N ASN A 210 -5.22 36.41 -29.11
CA ASN A 210 -6.47 36.82 -28.43
CA ASN A 210 -6.50 36.76 -28.47
C ASN A 210 -6.65 36.16 -27.05
C ASN A 210 -6.60 36.19 -27.05
N SER A 212 -4.01 35.78 -24.75
N SER A 212 -4.02 35.78 -24.78
CA SER A 212 -3.06 36.20 -23.72
CA SER A 212 -3.06 36.30 -23.82
C SER A 212 -3.75 36.99 -22.61
C SER A 212 -3.80 36.93 -22.65
N GLU A 213 -4.77 37.77 -22.98
CA GLU A 213 -5.48 38.57 -21.99
C GLU A 213 -6.34 37.73 -21.04
N LYS A 214 -6.51 36.42 -21.34
CA LYS A 214 -7.36 35.53 -20.55
C LYS A 214 -6.59 34.39 -19.88
N THR A 215 -5.27 34.48 -19.92
CA THR A 215 -4.39 33.39 -19.51
C THR A 215 -3.82 33.62 -18.11
N LEU A 216 -3.79 32.58 -17.29
CA LEU A 216 -3.11 32.60 -15.99
C LEU A 216 -2.05 31.51 -15.98
N SER A 217 -0.81 31.89 -16.28
CA SER A 217 0.31 30.98 -16.18
C SER A 217 1.61 31.77 -16.12
N ILE A 218 2.69 31.07 -15.81
CA ILE A 218 3.99 31.71 -15.66
C ILE A 218 4.35 32.48 -16.94
N GLU A 219 4.89 33.68 -16.79
CA GLU A 219 5.49 34.39 -17.92
C GLU A 219 6.82 33.77 -18.36
N ASN A 221 9.53 35.11 -19.17
CA ASN A 221 10.66 35.80 -18.53
C ASN A 221 10.97 35.13 -17.20
N LYS A 222 9.92 34.71 -16.50
CA LYS A 222 10.09 34.01 -15.22
C LYS A 222 10.60 32.60 -15.41
N LEU A 223 10.12 31.95 -16.46
CA LEU A 223 10.64 30.64 -16.81
C LEU A 223 12.12 30.71 -17.15
N LYS A 224 12.54 31.74 -17.88
CA LYS A 224 13.95 31.89 -18.27
C LYS A 224 14.89 32.08 -17.07
N GLN A 225 14.36 32.51 -15.93
CA GLN A 225 15.19 32.79 -14.75
C GLN A 225 15.52 31.54 -13.94
N ALA A 226 14.92 30.42 -14.30
CA ALA A 226 15.02 29.19 -13.52
C ALA A 226 16.36 28.56 -13.79
N ARG A 227 16.89 27.79 -12.85
CA ARG A 227 18.23 27.22 -13.04
C ARG A 227 18.19 26.23 -14.19
N TYR A 228 17.13 25.43 -14.22
CA TYR A 228 16.91 24.51 -15.32
C TYR A 228 15.43 24.60 -15.73
N SER A 229 15.19 24.82 -17.01
CA SER A 229 13.84 24.74 -17.58
C SER A 229 13.89 23.57 -18.55
N ILE A 230 13.22 22.49 -18.18
CA ILE A 230 13.40 21.24 -18.88
C ILE A 230 12.19 21.00 -19.76
N GLY A 231 12.38 21.04 -21.07
CA GLY A 231 11.34 20.65 -22.01
C GLY A 231 11.38 19.15 -22.24
N ILE A 232 10.22 18.50 -22.22
CA ILE A 232 10.19 17.12 -22.61
C ILE A 232 9.22 17.01 -23.76
N ALA A 233 9.71 16.52 -24.89
CA ALA A 233 8.95 16.62 -26.13
C ALA A 233 9.53 15.81 -27.28
N SER A 235 8.76 15.14 -31.79
N SER A 235 8.77 15.14 -31.78
CA SER A 235 7.93 15.47 -32.93
CA SER A 235 8.00 15.53 -32.96
C SER A 235 8.32 14.72 -34.19
C SER A 235 8.34 14.72 -34.21
N GLU A 236 7.32 14.52 -35.04
CA GLU A 236 7.50 13.86 -36.31
C GLU A 236 7.65 14.93 -37.39
N GLU A 237 7.63 16.21 -37.00
CA GLU A 237 7.69 17.33 -37.95
C GLU A 237 9.04 18.03 -37.92
N LYS A 238 9.63 18.20 -39.10
CA LYS A 238 10.88 18.95 -39.26
C LYS A 238 10.69 20.34 -38.67
N TYR A 239 9.52 20.92 -38.95
CA TYR A 239 9.17 22.25 -38.46
C TYR A 239 8.23 22.15 -37.25
N SER A 240 8.81 21.92 -36.09
CA SER A 240 8.11 21.63 -34.84
C SER A 240 7.99 22.86 -33.92
N GLY A 241 7.22 22.68 -32.84
CA GLY A 241 7.18 23.65 -31.76
C GLY A 241 8.48 23.64 -30.97
N ILE A 242 9.16 22.51 -30.97
CA ILE A 242 10.37 22.37 -30.19
C ILE A 242 11.51 23.31 -30.64
N ILE A 243 11.70 23.45 -31.95
CA ILE A 243 12.81 24.27 -32.46
C ILE A 243 12.56 25.71 -32.08
N GLY A 244 11.30 26.11 -32.14
CA GLY A 244 10.91 27.43 -31.70
C GLY A 244 11.27 27.61 -30.24
N ALA A 245 10.80 26.68 -29.38
CA ALA A 245 11.12 26.72 -27.95
C ALA A 245 12.61 26.89 -27.65
N LEU A 246 13.44 26.15 -28.37
CA LEU A 246 14.88 26.17 -28.19
C LEU A 246 15.43 27.52 -28.62
N ARG A 247 15.05 27.97 -29.81
CA ARG A 247 15.54 29.26 -30.32
C ARG A 247 15.20 30.39 -29.37
N GLY A 248 13.99 30.35 -28.81
CA GLY A 248 13.57 31.36 -27.84
C GLY A 248 14.18 31.17 -26.46
N LYS A 249 14.90 30.07 -26.26
CA LYS A 249 15.51 29.82 -24.96
C LYS A 249 14.50 29.73 -23.81
N TYR A 250 13.29 29.21 -24.09
CA TYR A 250 12.29 29.08 -23.03
C TYR A 250 12.62 27.85 -22.20
N ILE A 251 13.35 26.92 -22.82
CA ILE A 251 13.95 25.81 -22.08
C ILE A 251 15.47 25.83 -22.28
N ASN A 252 16.21 25.38 -21.27
CA ASN A 252 17.66 25.22 -21.38
C ASN A 252 18.10 23.75 -21.20
N CYS A 253 17.15 22.82 -21.15
CA CYS A 253 17.44 21.38 -21.20
C CYS A 253 16.38 20.74 -22.06
N LEU A 254 16.70 19.62 -22.70
CA LEU A 254 15.71 18.94 -23.51
C LEU A 254 15.81 17.45 -23.30
N VAL A 255 14.64 16.85 -23.13
CA VAL A 255 14.48 15.40 -23.08
C VAL A 255 13.68 15.01 -24.33
N THR A 256 14.28 14.20 -25.19
CA THR A 256 13.64 13.84 -26.46
C THR A 256 14.13 12.48 -26.97
N ASN A 257 13.76 12.17 -28.22
CA ASN A 257 14.16 10.90 -28.82
C ASN A 257 15.12 11.07 -29.99
N SER A 258 15.70 9.95 -30.41
CA SER A 258 16.69 9.92 -31.48
C SER A 258 16.15 10.62 -32.72
N SER A 259 14.94 10.25 -33.10
CA SER A 259 14.36 10.76 -34.36
C SER A 259 14.17 12.28 -34.35
N THR A 260 13.71 12.83 -33.23
CA THR A 260 13.51 14.26 -33.11
C THR A 260 14.85 15.02 -33.03
N ALA A 261 15.81 14.48 -32.28
CA ALA A 261 17.10 15.16 -32.17
C ALA A 261 17.67 15.32 -33.60
N GLU A 262 17.59 14.25 -34.36
CA GLU A 262 18.09 14.27 -35.72
C GLU A 262 17.42 15.34 -36.59
N LEU A 263 16.09 15.46 -36.46
CA LEU A 263 15.31 16.49 -37.15
C LEU A 263 15.75 17.90 -36.75
N LEU A 264 15.95 18.09 -35.45
CA LEU A 264 16.38 19.37 -34.90
C LEU A 264 17.72 19.85 -35.45
N LEU A 265 18.55 18.91 -35.87
CA LEU A 265 19.84 19.23 -36.43
C LEU A 265 19.74 19.34 -37.95
N LYS A 266 18.94 18.49 -38.56
CA LYS A 266 18.72 18.47 -40.02
C LYS A 266 17.81 19.62 -40.49
N GLU B 12 -11.46 -43.06 36.86
CA GLU B 12 -11.85 -41.72 37.30
C GLU B 12 -11.87 -40.75 36.13
N ASN B 13 -10.86 -40.83 35.28
CA ASN B 13 -10.82 -39.97 34.10
C ASN B 13 -12.02 -40.17 33.18
N LEU B 14 -12.39 -41.42 32.93
CA LEU B 14 -13.54 -41.66 32.05
C LEU B 14 -14.83 -41.05 32.64
N TRP B 15 -15.00 -41.18 33.95
CA TRP B 15 -16.18 -40.64 34.63
C TRP B 15 -16.18 -39.13 34.52
N LEU B 16 -15.01 -38.55 34.74
CA LEU B 16 -14.87 -37.12 34.60
C LEU B 16 -15.20 -36.68 33.19
N GLU B 17 -14.79 -37.46 32.19
CA GLU B 17 -15.10 -37.11 30.80
C GLU B 17 -16.61 -37.15 30.57
N GLN B 18 -17.25 -38.19 31.09
CA GLN B 18 -18.72 -38.32 30.94
C GLN B 18 -19.40 -37.15 31.60
N GLN B 19 -18.94 -36.79 32.80
CA GLN B 19 -19.54 -35.68 33.52
C GLN B 19 -19.44 -34.37 32.75
N LEU B 20 -18.31 -34.14 32.09
CA LEU B 20 -18.15 -32.89 31.32
C LEU B 20 -19.04 -32.87 30.06
N LYS B 21 -19.16 -34.01 29.40
CA LYS B 21 -19.98 -34.08 28.21
C LYS B 21 -21.41 -33.73 28.58
N GLN B 22 -21.91 -34.32 29.65
CA GLN B 22 -23.29 -34.08 30.06
C GLN B 22 -23.47 -32.64 30.48
N LYS B 23 -22.50 -32.13 31.25
CA LYS B 23 -22.66 -30.81 31.83
C LYS B 23 -22.61 -29.70 30.80
N PHE B 24 -21.66 -29.78 29.86
CA PHE B 24 -21.51 -28.72 28.87
C PHE B 24 -22.03 -29.11 27.48
N GLY B 25 -22.51 -30.34 27.35
CA GLY B 25 -23.05 -30.80 26.09
C GLY B 25 -21.95 -30.96 25.05
N LEU B 26 -20.81 -31.48 25.46
CA LEU B 26 -19.67 -31.58 24.56
C LEU B 26 -19.76 -32.82 23.70
N LYS B 27 -19.18 -32.75 22.50
CA LYS B 27 -19.17 -33.89 21.60
C LYS B 27 -18.22 -34.96 22.05
N ASP B 28 -17.04 -34.56 22.50
CA ASP B 28 -16.11 -35.52 23.06
C ASP B 28 -15.21 -34.77 24.02
N VAL B 29 -14.64 -35.49 24.98
CA VAL B 29 -13.76 -34.89 25.98
C VAL B 29 -12.63 -35.87 26.30
N VAL B 30 -11.46 -35.31 26.60
CA VAL B 30 -10.31 -36.09 27.01
C VAL B 30 -9.87 -35.49 28.33
N VAL B 31 -9.78 -36.34 29.35
CA VAL B 31 -9.24 -35.93 30.66
C VAL B 31 -8.05 -36.82 30.99
N VAL B 32 -6.89 -36.21 31.21
CA VAL B 32 -5.71 -36.99 31.64
C VAL B 32 -5.38 -36.73 33.08
N SER B 33 -4.75 -37.70 33.72
CA SER B 33 -4.31 -37.53 35.10
C SER B 33 -3.24 -36.46 35.27
N ASP B 38 3.80 -31.85 37.15
CA ASP B 38 4.57 -31.55 35.96
C ASP B 38 3.73 -30.82 34.92
N GLU B 39 4.26 -29.71 34.41
CA GLU B 39 3.55 -28.91 33.42
C GLU B 39 3.67 -29.53 32.02
N GLU B 40 4.90 -29.89 31.65
CA GLU B 40 5.15 -30.51 30.35
C GLU B 40 4.49 -31.87 30.23
N THR B 41 4.82 -32.76 31.17
CA THR B 41 4.26 -34.11 31.18
C THR B 41 2.75 -34.08 31.03
N GLN B 42 2.11 -33.07 31.61
CA GLN B 42 0.67 -32.93 31.54
C GLN B 42 0.26 -32.65 30.10
N LEU B 43 0.85 -31.62 29.50
CA LEU B 43 0.58 -31.28 28.12
C LEU B 43 0.89 -32.47 27.24
N ALA B 44 1.99 -33.16 27.53
CA ALA B 44 2.41 -34.24 26.63
C ALA B 44 1.39 -35.36 26.62
N GLY B 47 -1.49 -33.97 24.86
CA GLY B 47 -1.14 -33.98 23.45
C GLY B 47 -1.42 -35.35 22.85
N LEU B 48 -0.89 -36.41 23.47
CA LEU B 48 -1.06 -37.74 22.89
C LEU B 48 -2.54 -38.11 22.81
N HIS B 49 -3.25 -37.99 23.94
CA HIS B 49 -4.66 -38.35 23.93
C HIS B 49 -5.51 -37.41 23.08
N GLY B 50 -5.15 -36.13 23.05
CA GLY B 50 -5.81 -35.18 22.17
C GLY B 50 -5.53 -35.51 20.71
N ALA B 51 -4.32 -35.93 20.41
CA ALA B 51 -3.95 -36.28 19.04
C ALA B 51 -4.74 -37.51 18.60
N GLN B 52 -4.91 -38.45 19.52
CA GLN B 52 -5.70 -39.64 19.23
C GLN B 52 -7.16 -39.29 18.98
N LEU B 53 -7.67 -38.32 19.73
CA LEU B 53 -9.03 -37.87 19.52
C LEU B 53 -9.19 -37.27 18.12
N LEU B 54 -8.24 -36.43 17.74
CA LEU B 54 -8.29 -35.79 16.43
C LEU B 54 -8.30 -36.80 15.27
N ASP B 55 -7.44 -37.82 15.34
N ASP B 55 -7.45 -37.82 15.38
CA ASP B 55 -7.40 -38.83 14.30
CA ASP B 55 -7.38 -38.85 14.35
C ASP B 55 -8.72 -39.58 14.19
C ASP B 55 -8.72 -39.56 14.20
N ARG B 56 -9.43 -39.70 15.30
CA ARG B 56 -10.74 -40.37 15.31
C ARG B 56 -11.87 -39.51 14.76
N LEU B 57 -11.74 -38.20 14.91
CA LEU B 57 -12.80 -37.27 14.49
C LEU B 57 -12.62 -36.78 13.05
N LEU B 58 -11.43 -36.89 12.52
CA LEU B 58 -11.15 -36.41 11.17
C LEU B 58 -12.01 -37.18 10.18
N GLU B 59 -12.36 -36.52 9.07
CA GLU B 59 -13.01 -37.18 7.95
C GLU B 59 -12.25 -36.78 6.68
N PRO B 60 -12.21 -37.68 5.68
CA PRO B 60 -11.55 -37.40 4.40
C PRO B 60 -11.94 -36.03 3.82
N GLY B 61 -10.93 -35.29 3.36
CA GLY B 61 -11.11 -33.95 2.85
C GLY B 61 -11.38 -32.83 3.86
N ASP B 62 -11.36 -33.14 5.16
CA ASP B 62 -11.49 -32.10 6.18
C ASP B 62 -10.49 -30.95 5.97
N ILE B 63 -10.95 -29.73 6.26
CA ILE B 63 -10.08 -28.56 6.40
C ILE B 63 -9.83 -28.40 7.88
N VAL B 64 -8.56 -28.50 8.27
CA VAL B 64 -8.19 -28.54 9.68
C VAL B 64 -7.42 -27.27 10.04
N GLY B 65 -7.89 -26.55 11.04
CA GLY B 65 -7.33 -25.26 11.37
C GLY B 65 -6.62 -25.29 12.70
N PHE B 66 -5.48 -24.61 12.76
CA PHE B 66 -4.59 -24.66 13.93
C PHE B 66 -4.36 -23.27 14.47
N SER B 67 -4.53 -23.12 15.78
CA SER B 67 -4.05 -21.91 16.42
C SER B 67 -2.59 -22.12 16.84
N TRP B 68 -2.05 -21.13 17.54
CA TRP B 68 -0.65 -21.18 17.96
C TRP B 68 -0.52 -21.65 19.41
N GLY B 69 0.73 -21.80 19.88
CA GLY B 69 0.96 -22.02 21.29
C GLY B 69 1.32 -23.43 21.72
N ARG B 70 1.75 -23.57 22.97
CA ARG B 70 2.30 -24.80 23.51
C ARG B 70 1.27 -25.91 23.58
N ALA B 71 0.01 -25.56 23.79
CA ALA B 71 -0.99 -26.58 23.99
C ALA B 71 -1.31 -27.25 22.65
N VAL B 72 -1.58 -26.44 21.64
CA VAL B 72 -1.76 -26.98 20.29
C VAL B 72 -0.47 -27.69 19.83
N SER B 73 0.68 -27.14 20.17
CA SER B 73 1.97 -27.79 19.81
C SER B 73 2.06 -29.23 20.37
N ALA B 74 1.61 -29.40 21.61
CA ALA B 74 1.74 -30.72 22.24
C ALA B 74 0.90 -31.73 21.48
N LEU B 75 -0.30 -31.34 21.06
CA LEU B 75 -1.14 -32.24 20.25
C LEU B 75 -0.44 -32.58 18.95
N VAL B 76 -0.01 -31.56 18.22
CA VAL B 76 0.64 -31.75 16.94
C VAL B 76 1.88 -32.62 16.98
N GLU B 77 2.73 -32.36 17.97
CA GLU B 77 3.95 -33.14 18.22
C GLU B 77 3.65 -34.63 18.43
N ASN B 78 2.48 -34.90 18.99
CA ASN B 78 2.10 -36.26 19.32
C ASN B 78 1.18 -36.93 18.31
N LEU B 79 0.97 -36.30 17.17
CA LEU B 79 0.25 -36.94 16.08
C LEU B 79 1.09 -38.06 15.50
N PRO B 80 0.47 -39.22 15.24
CA PRO B 80 1.15 -40.32 14.56
C PRO B 80 1.42 -40.01 13.09
N GLN B 81 2.43 -40.62 12.51
CA GLN B 81 2.70 -40.42 11.10
C GLN B 81 1.71 -41.24 10.29
N ALA B 82 0.89 -40.58 9.49
CA ALA B 82 -0.07 -41.27 8.64
C ALA B 82 0.68 -42.00 7.57
N GLY B 83 0.16 -43.16 7.17
CA GLY B 83 0.66 -43.84 5.99
C GLY B 83 -0.13 -43.39 4.76
N GLN B 84 -1.45 -43.27 4.93
CA GLN B 84 -2.31 -42.82 3.84
C GLN B 84 -2.82 -41.40 4.06
N SER B 85 -2.80 -40.61 3.00
CA SER B 85 -3.48 -39.32 2.97
C SER B 85 -4.99 -39.51 3.12
N ARG B 86 -5.62 -38.59 3.84
CA ARG B 86 -7.07 -38.49 3.82
C ARG B 86 -7.44 -37.20 3.13
N GLN B 87 -6.64 -36.80 2.16
CA GLN B 87 -6.94 -35.61 1.41
C GLN B 87 -7.25 -34.45 2.36
N LEU B 88 -6.47 -34.34 3.43
CA LEU B 88 -6.65 -33.28 4.43
C LEU B 88 -5.92 -31.99 4.05
N ILE B 89 -6.50 -30.84 4.43
CA ILE B 89 -5.94 -29.53 4.18
C ILE B 89 -5.76 -28.79 5.51
N CYS B 90 -4.52 -28.47 5.86
CA CYS B 90 -4.24 -27.83 7.15
C CYS B 90 -3.94 -26.36 6.96
N VAL B 91 -4.61 -25.51 7.75
CA VAL B 91 -4.45 -24.07 7.69
C VAL B 91 -4.34 -23.44 9.07
N PRO B 92 -3.57 -22.34 9.16
CA PRO B 92 -3.56 -21.56 10.40
C PRO B 92 -4.85 -20.79 10.50
N ILE B 93 -5.41 -20.66 11.70
CA ILE B 93 -6.60 -19.82 11.91
C ILE B 93 -6.29 -18.56 12.67
N ILE B 94 -5.01 -18.23 12.75
CA ILE B 94 -4.60 -16.93 13.24
C ILE B 94 -3.28 -16.59 12.51
N GLY B 95 -2.97 -15.30 12.37
CA GLY B 95 -1.71 -14.87 11.79
C GLY B 95 -0.51 -15.18 12.67
N GLY B 96 0.69 -14.79 12.24
CA GLY B 96 1.89 -15.09 13.02
C GLY B 96 1.99 -14.25 14.28
N PRO B 97 2.73 -14.75 15.29
CA PRO B 97 2.86 -14.09 16.60
C PRO B 97 3.85 -12.91 16.63
N SER B 98 4.45 -12.57 15.49
CA SER B 98 5.36 -11.44 15.43
C SER B 98 6.41 -11.43 16.54
N GLY B 99 7.03 -12.58 16.80
CA GLY B 99 8.14 -12.65 17.73
C GLY B 99 7.73 -12.86 19.17
N LYS B 100 6.43 -12.86 19.45
CA LYS B 100 5.94 -13.00 20.82
C LYS B 100 5.92 -14.46 21.28
N LEU B 101 6.09 -15.41 20.35
CA LEU B 101 6.26 -16.82 20.68
C LEU B 101 7.51 -17.35 19.99
N GLU B 102 8.17 -18.32 20.59
CA GLU B 102 9.27 -19.03 19.95
C GLU B 102 8.76 -19.74 18.71
N SER B 103 9.67 -19.88 17.75
CA SER B 103 9.40 -20.53 16.48
C SER B 103 8.68 -21.86 16.63
N ARG B 104 9.05 -22.62 17.67
CA ARG B 104 8.44 -23.91 17.96
C ARG B 104 6.90 -23.84 18.08
N TYR B 105 6.40 -22.71 18.56
CA TYR B 105 4.96 -22.60 18.88
C TYR B 105 4.20 -21.79 17.86
N HIS B 106 4.94 -21.27 16.88
CA HIS B 106 4.37 -20.45 15.82
C HIS B 106 3.27 -21.23 15.06
N VAL B 107 2.16 -20.55 14.75
CA VAL B 107 1.04 -21.20 14.09
C VAL B 107 1.43 -21.88 12.77
N ASN B 108 2.34 -21.29 11.99
CA ASN B 108 2.78 -21.90 10.74
C ASN B 108 3.62 -23.15 10.97
N THR B 109 4.42 -23.14 12.02
CA THR B 109 5.23 -24.30 12.36
C THR B 109 4.31 -25.47 12.64
N LEU B 110 3.30 -25.20 13.46
CA LEU B 110 2.34 -26.23 13.86
C LEU B 110 1.53 -26.77 12.67
N THR B 111 1.07 -25.86 11.81
CA THR B 111 0.27 -26.19 10.65
C THR B 111 1.05 -27.09 9.70
N TYR B 112 2.31 -26.74 9.49
CA TYR B 112 3.14 -27.45 8.54
C TYR B 112 3.46 -28.83 9.07
N SER B 113 3.75 -28.91 10.37
N SER B 113 3.76 -28.89 10.36
CA SER B 113 4.10 -30.20 10.94
CA SER B 113 4.09 -30.18 10.96
C SER B 113 2.89 -31.12 11.13
C SER B 113 2.86 -31.08 10.96
N ALA B 114 1.71 -30.54 11.36
CA ALA B 114 0.50 -31.31 11.35
C ALA B 114 0.29 -31.91 9.94
N ALA B 115 0.46 -31.10 8.90
CA ALA B 115 0.20 -31.58 7.54
C ALA B 115 1.17 -32.69 7.15
N ALA B 116 2.42 -32.58 7.60
CA ALA B 116 3.35 -33.67 7.36
C ALA B 116 2.92 -34.99 8.03
N LYS B 117 2.54 -34.93 9.28
CA LYS B 117 2.08 -36.13 9.97
C LYS B 117 0.78 -36.67 9.38
N LEU B 118 -0.06 -35.77 8.88
CA LEU B 118 -1.39 -36.14 8.40
C LEU B 118 -1.39 -36.49 6.92
N LYS B 119 -0.21 -36.40 6.31
CA LYS B 119 0.00 -36.49 4.86
C LYS B 119 -1.01 -35.64 4.09
N GLY B 120 -1.26 -34.42 4.57
CA GLY B 120 -2.12 -33.50 3.86
C GLY B 120 -1.35 -32.34 3.28
N GLU B 121 -2.06 -31.33 2.79
CA GLU B 121 -1.42 -30.11 2.31
C GLU B 121 -1.50 -29.04 3.38
N SER B 122 -0.61 -28.05 3.32
CA SER B 122 -0.76 -26.89 4.20
C SER B 122 -0.73 -25.58 3.41
N HIS B 123 -1.43 -24.59 3.92
CA HIS B 123 -1.33 -23.26 3.38
C HIS B 123 -0.98 -22.30 4.51
N LEU B 124 0.26 -21.80 4.50
CA LEU B 124 0.77 -20.97 5.59
C LEU B 124 0.33 -19.52 5.43
N ALA B 125 0.18 -18.83 6.57
CA ALA B 125 -0.21 -17.44 6.61
C ALA B 125 1.02 -16.55 6.68
N ASP B 126 1.10 -15.60 5.76
CA ASP B 126 2.20 -14.64 5.69
C ASP B 126 1.79 -13.24 6.14
N PHE B 127 0.94 -13.19 7.16
CA PHE B 127 0.52 -11.94 7.77
C PHE B 127 0.59 -12.11 9.28
N PRO B 128 0.78 -11.01 10.01
CA PRO B 128 0.81 -11.08 11.47
C PRO B 128 -0.62 -11.23 12.00
N ALA B 129 -0.76 -11.89 13.14
CA ALA B 129 -2.04 -11.93 13.83
C ALA B 129 -2.48 -10.55 14.31
N LEU B 130 -1.51 -9.68 14.62
CA LEU B 130 -1.86 -8.39 15.21
C LEU B 130 -1.16 -7.20 14.54
N LEU B 131 -1.93 -6.17 14.19
CA LEU B 131 -1.38 -4.97 13.53
C LEU B 131 -1.86 -3.65 14.15
N ASP B 132 -0.91 -2.83 14.58
CA ASP B 132 -1.22 -1.57 15.27
C ASP B 132 -2.03 -0.57 14.45
N ASN B 133 -1.71 -0.47 13.16
CA ASN B 133 -2.33 0.55 12.31
C ASN B 133 -3.48 -0.06 11.51
N PRO B 134 -4.72 0.38 11.83
CA PRO B 134 -5.95 -0.12 11.20
C PRO B 134 -5.89 -0.06 9.67
N LEU B 135 -5.15 0.93 9.17
CA LEU B 135 -4.97 1.11 7.73
C LEU B 135 -4.17 -0.06 7.14
N ILE B 136 -3.11 -0.48 7.83
CA ILE B 136 -2.27 -1.54 7.31
C ILE B 136 -2.96 -2.88 7.48
N ARG B 137 -3.64 -3.07 8.59
CA ARG B 137 -4.37 -4.32 8.75
C ARG B 137 -5.45 -4.43 7.67
N ASN B 138 -6.13 -3.33 7.36
CA ASN B 138 -7.13 -3.42 6.32
C ASN B 138 -6.56 -3.70 4.94
N GLY B 139 -5.43 -3.07 4.63
CA GLY B 139 -4.72 -3.32 3.40
C GLY B 139 -4.33 -4.77 3.25
N ILE B 140 -3.86 -5.38 4.33
CA ILE B 140 -3.54 -6.80 4.28
C ILE B 140 -4.79 -7.62 4.04
N GLN B 142 -7.27 -6.99 2.28
N GLN B 142 -7.30 -6.98 2.27
CA GLN B 142 -7.75 -6.87 0.92
CA GLN B 142 -7.80 -6.91 0.91
C GLN B 142 -6.93 -7.74 -0.04
C GLN B 142 -6.85 -7.60 -0.09
N SER B 143 -5.76 -8.17 0.42
CA SER B 143 -4.83 -8.93 -0.41
C SER B 143 -5.37 -10.31 -0.76
N GLN B 144 -5.05 -10.80 -1.96
CA GLN B 144 -5.58 -12.08 -2.36
C GLN B 144 -5.12 -13.20 -1.42
N HIS B 145 -3.90 -13.07 -0.94
CA HIS B 145 -3.38 -14.06 -0.01
C HIS B 145 -4.24 -14.21 1.25
N PHE B 146 -4.58 -13.10 1.91
CA PHE B 146 -5.46 -13.18 3.07
C PHE B 146 -6.83 -13.75 2.68
N LYS B 147 -7.31 -13.36 1.52
CA LYS B 147 -8.66 -13.77 1.14
C LYS B 147 -8.65 -15.26 0.94
N THR B 148 -7.56 -15.78 0.40
CA THR B 148 -7.47 -17.21 0.19
C THR B 148 -7.47 -17.96 1.52
N ILE B 149 -6.66 -17.51 2.46
CA ILE B 149 -6.64 -18.13 3.80
C ILE B 149 -8.02 -18.02 4.46
N SER B 150 -8.61 -16.84 4.38
CA SER B 150 -9.90 -16.62 5.02
C SER B 150 -10.99 -17.51 4.41
N ALA B 151 -10.88 -17.80 3.13
CA ALA B 151 -11.86 -18.63 2.45
C ALA B 151 -11.83 -20.03 3.03
N TYR B 152 -10.64 -20.49 3.44
CA TYR B 152 -10.53 -21.75 4.20
C TYR B 152 -11.23 -21.65 5.55
N TRP B 153 -11.06 -20.52 6.22
CA TRP B 153 -11.72 -20.30 7.50
C TRP B 153 -13.24 -20.45 7.36
N ASP B 154 -13.79 -19.95 6.27
CA ASP B 154 -15.22 -20.04 6.01
C ASP B 154 -15.70 -21.46 5.83
N ASN B 155 -14.78 -22.38 5.61
CA ASN B 155 -15.14 -23.75 5.29
C ASN B 155 -14.51 -24.75 6.26
N LEU B 156 -14.09 -24.26 7.42
CA LEU B 156 -13.32 -25.09 8.34
C LEU B 156 -14.18 -26.24 8.88
N ASP B 157 -13.58 -27.42 8.95
CA ASP B 157 -14.23 -28.63 9.47
C ASP B 157 -13.85 -28.90 10.90
N ILE B 158 -12.57 -28.88 11.20
CA ILE B 158 -12.08 -29.13 12.56
C ILE B 158 -11.05 -28.07 12.96
N ALA B 159 -11.15 -27.60 14.20
CA ALA B 159 -10.19 -26.63 14.73
C ALA B 159 -9.50 -27.17 15.97
N LEU B 160 -8.23 -26.83 16.13
CA LEU B 160 -7.49 -27.14 17.35
C LEU B 160 -7.06 -25.83 17.96
N VAL B 161 -7.54 -25.55 19.17
CA VAL B 161 -7.25 -24.25 19.73
C VAL B 161 -6.78 -24.34 21.16
N GLY B 162 -5.89 -23.43 21.54
CA GLY B 162 -5.60 -23.25 22.94
C GLY B 162 -6.49 -22.15 23.50
N ILE B 163 -6.43 -21.95 24.80
CA ILE B 163 -7.27 -20.95 25.42
C ILE B 163 -6.42 -20.01 26.22
N GLY B 164 -6.48 -18.72 25.87
CA GLY B 164 -5.67 -17.69 26.51
C GLY B 164 -6.27 -17.21 27.82
N SER B 165 -5.43 -16.62 28.67
CA SER B 165 -5.87 -16.23 29.99
C SER B 165 -4.96 -15.20 30.61
N PRO B 166 -5.53 -14.27 31.38
CA PRO B 166 -4.75 -13.23 32.07
C PRO B 166 -3.50 -13.82 32.73
N ASN B 173 2.13 -14.62 28.75
CA ASN B 173 1.64 -14.58 27.37
C ASN B 173 0.55 -13.52 27.15
N TRP B 174 -0.38 -13.42 28.08
CA TRP B 174 -1.39 -12.37 28.04
C TRP B 174 -0.67 -11.01 28.06
N HIS B 175 0.16 -10.83 29.09
CA HIS B 175 1.02 -9.67 29.16
C HIS B 175 1.84 -9.54 27.89
N ALA B 176 2.47 -10.64 27.49
CA ALA B 176 3.31 -10.65 26.30
C ALA B 176 2.56 -10.24 25.04
N PHE B 177 1.44 -10.90 24.73
CA PHE B 177 0.67 -10.57 23.54
C PHE B 177 0.07 -9.16 23.62
N TYR B 178 -0.49 -8.84 24.78
CA TYR B 178 -1.14 -7.55 24.97
C TYR B 178 -0.53 -6.82 26.15
N ARG B 189 -12.74 -4.91 31.82
CA ARG B 189 -13.80 -5.34 30.90
C ARG B 189 -14.26 -6.77 31.18
N GLN B 190 -13.76 -7.34 32.27
CA GLN B 190 -14.13 -8.69 32.70
C GLN B 190 -13.89 -9.76 31.62
N VAL B 191 -12.80 -9.63 30.90
CA VAL B 191 -12.45 -10.68 29.94
C VAL B 191 -12.00 -11.93 30.67
N ALA B 192 -12.57 -13.08 30.30
CA ALA B 192 -12.26 -14.34 30.94
C ALA B 192 -11.14 -15.10 30.21
N GLY B 193 -11.16 -15.03 28.89
CA GLY B 193 -10.21 -15.79 28.10
C GLY B 193 -10.22 -15.28 26.67
N ASP B 194 -9.37 -15.87 25.84
CA ASP B 194 -9.44 -15.62 24.42
C ASP B 194 -9.18 -16.91 23.64
N ILE B 195 -9.75 -17.00 22.46
CA ILE B 195 -9.40 -18.02 21.51
C ILE B 195 -9.02 -17.27 20.26
N CYS B 196 -7.87 -17.61 19.70
CA CYS B 196 -7.32 -16.93 18.55
C CYS B 196 -7.46 -15.43 18.68
N SER B 197 -7.22 -14.92 19.89
CA SER B 197 -7.26 -13.49 20.14
C SER B 197 -8.61 -12.85 19.98
N ARG B 198 -9.68 -13.63 20.19
CA ARG B 198 -11.01 -13.07 20.22
C ARG B 198 -11.50 -13.33 21.64
N PHE B 199 -12.04 -12.30 22.28
CA PHE B 199 -12.17 -12.28 23.73
C PHE B 199 -13.58 -12.44 24.23
N PHE B 200 -13.73 -13.10 25.37
CA PHE B 200 -15.05 -13.39 25.89
C PHE B 200 -15.02 -13.37 27.41
N ASP B 201 -16.20 -13.24 28.01
CA ASP B 201 -16.31 -13.20 29.47
C ASP B 201 -16.64 -14.57 30.01
N ILE B 202 -16.71 -14.65 31.34
CA ILE B 202 -16.81 -15.95 31.99
C ILE B 202 -18.13 -16.66 31.66
N HIS B 203 -19.10 -15.91 31.14
CA HIS B 203 -20.38 -16.49 30.72
C HIS B 203 -20.43 -16.85 29.23
N GLY B 204 -19.32 -16.60 28.53
CA GLY B 204 -19.23 -16.94 27.13
C GLY B 204 -19.70 -15.89 26.15
N ALA B 205 -20.00 -14.68 26.64
CA ALA B 205 -20.39 -13.58 25.76
C ALA B 205 -19.15 -12.87 25.24
N VAL B 207 -16.71 -9.94 24.07
CA VAL B 207 -16.41 -8.67 24.69
C VAL B 207 -15.62 -7.91 23.66
N GLU B 208 -16.16 -6.80 23.19
CA GLU B 208 -15.39 -6.01 22.25
C GLU B 208 -14.23 -5.40 23.01
N THR B 209 -13.10 -5.26 22.33
CA THR B 209 -11.88 -4.87 22.98
C THR B 209 -11.17 -3.90 22.06
N ASN B 210 -10.24 -3.14 22.61
CA ASN B 210 -9.47 -2.20 21.83
C ASN B 210 -8.91 -2.81 20.56
N SER B 212 -10.01 -5.63 18.63
CA SER B 212 -10.86 -6.20 17.59
C SER B 212 -10.40 -5.70 16.22
N GLU B 213 -10.17 -4.40 16.11
CA GLU B 213 -9.79 -3.81 14.83
C GLU B 213 -8.30 -3.92 14.55
N LYS B 214 -7.61 -4.73 15.33
CA LYS B 214 -6.16 -4.89 15.16
C LYS B 214 -5.81 -6.32 14.76
N THR B 215 -6.83 -7.18 14.72
CA THR B 215 -6.59 -8.61 14.68
C THR B 215 -6.80 -9.22 13.30
N LEU B 216 -5.97 -10.20 12.98
CA LEU B 216 -6.11 -10.99 11.77
C LEU B 216 -6.21 -12.46 12.16
N SER B 217 -7.43 -12.94 12.34
CA SER B 217 -7.63 -14.31 12.78
C SER B 217 -9.09 -14.73 12.52
N ILE B 218 -9.36 -16.02 12.67
CA ILE B 218 -10.71 -16.51 12.48
C ILE B 218 -11.69 -15.82 13.45
N GLU B 219 -12.90 -15.53 12.98
CA GLU B 219 -13.95 -14.97 13.84
C GLU B 219 -14.66 -16.09 14.59
N ASN B 221 -17.75 -16.63 15.10
CA ASN B 221 -18.90 -17.22 14.41
C ASN B 221 -18.45 -18.24 13.38
N LYS B 222 -17.27 -18.05 12.80
CA LYS B 222 -16.77 -19.01 11.83
C LYS B 222 -16.27 -20.24 12.54
N LEU B 223 -15.65 -20.05 13.69
CA LEU B 223 -15.17 -21.17 14.47
C LEU B 223 -16.35 -22.06 14.91
N LYS B 224 -17.42 -21.45 15.39
CA LYS B 224 -18.61 -22.18 15.84
C LYS B 224 -19.23 -23.03 14.72
N GLN B 225 -18.91 -22.70 13.47
CA GLN B 225 -19.44 -23.46 12.35
C GLN B 225 -18.66 -24.72 12.05
N ALA B 226 -17.45 -24.86 12.59
CA ALA B 226 -16.71 -26.07 12.28
C ALA B 226 -17.44 -27.27 12.89
N ARG B 227 -17.32 -28.44 12.26
CA ARG B 227 -17.88 -29.68 12.82
C ARG B 227 -17.36 -29.92 14.24
N TYR B 228 -16.05 -29.78 14.43
CA TYR B 228 -15.46 -29.88 15.77
C TYR B 228 -14.53 -28.69 16.02
N SER B 229 -14.62 -28.12 17.21
CA SER B 229 -13.65 -27.14 17.65
C SER B 229 -13.11 -27.69 18.94
N ILE B 230 -11.84 -28.06 18.89
CA ILE B 230 -11.21 -28.77 19.99
C ILE B 230 -10.33 -27.83 20.80
N GLY B 231 -10.78 -27.50 22.00
CA GLY B 231 -10.00 -26.70 22.96
C GLY B 231 -9.05 -27.57 23.76
N ILE B 232 -7.78 -27.18 23.85
CA ILE B 232 -6.87 -27.93 24.70
C ILE B 232 -6.24 -27.00 25.71
N ALA B 233 -6.47 -27.29 26.99
CA ALA B 233 -6.12 -26.34 28.05
C ALA B 233 -6.20 -26.93 29.46
N SER B 235 -5.30 -25.94 34.07
CA SER B 235 -4.75 -25.22 35.23
C SER B 235 -5.73 -24.26 35.88
N GLU B 236 -5.55 -24.05 37.19
CA GLU B 236 -6.44 -23.18 37.95
C GLU B 236 -6.46 -21.75 37.40
N GLU B 237 -5.39 -21.35 36.71
CA GLU B 237 -5.31 -20.01 36.15
C GLU B 237 -6.25 -19.86 34.94
N LYS B 238 -6.42 -20.93 34.18
CA LYS B 238 -7.14 -20.85 32.92
C LYS B 238 -8.61 -21.15 33.12
N TYR B 239 -8.99 -21.48 34.35
CA TYR B 239 -10.36 -21.82 34.67
C TYR B 239 -11.36 -20.89 33.99
N SER B 240 -11.27 -19.59 34.29
CA SER B 240 -12.21 -18.61 33.76
C SER B 240 -12.33 -18.66 32.22
N GLY B 241 -11.21 -18.78 31.53
CA GLY B 241 -11.26 -18.81 30.08
C GLY B 241 -11.82 -20.12 29.54
N ILE B 242 -11.56 -21.20 30.24
CA ILE B 242 -12.03 -22.51 29.79
C ILE B 242 -13.55 -22.57 29.97
N ILE B 243 -14.04 -22.17 31.15
CA ILE B 243 -15.50 -22.20 31.34
C ILE B 243 -16.16 -21.25 30.38
N GLY B 244 -15.56 -20.08 30.19
CA GLY B 244 -16.10 -19.10 29.26
C GLY B 244 -16.23 -19.65 27.85
N ALA B 245 -15.21 -20.36 27.38
CA ALA B 245 -15.26 -20.93 26.02
C ALA B 245 -16.28 -22.06 25.94
N LEU B 246 -16.36 -22.83 27.02
CA LEU B 246 -17.37 -23.87 27.15
C LEU B 246 -18.78 -23.25 27.04
N ARG B 247 -19.02 -22.25 27.87
CA ARG B 247 -20.34 -21.63 27.95
C ARG B 247 -20.75 -20.95 26.65
N GLY B 248 -19.79 -20.37 25.93
CA GLY B 248 -20.08 -19.72 24.67
C GLY B 248 -20.09 -20.69 23.49
N LYS B 249 -19.76 -21.94 23.74
CA LYS B 249 -19.67 -22.93 22.67
C LYS B 249 -18.65 -22.57 21.58
N TYR B 250 -17.58 -21.87 21.95
CA TYR B 250 -16.53 -21.64 20.97
C TYR B 250 -15.74 -22.90 20.72
N ILE B 251 -15.85 -23.85 21.65
CA ILE B 251 -15.30 -25.20 21.46
C ILE B 251 -16.42 -26.19 21.75
N ASN B 252 -16.39 -27.37 21.14
CA ASN B 252 -17.38 -28.40 21.41
C ASN B 252 -16.71 -29.70 21.80
N CYS B 253 -15.38 -29.64 21.89
CA CYS B 253 -14.58 -30.71 22.49
C CYS B 253 -13.57 -30.12 23.45
N LEU B 254 -13.22 -30.87 24.50
CA LEU B 254 -12.23 -30.39 25.46
C LEU B 254 -11.19 -31.44 25.81
N VAL B 255 -9.92 -31.04 25.79
CA VAL B 255 -8.85 -31.91 26.24
C VAL B 255 -8.19 -31.22 27.40
N THR B 256 -8.20 -31.84 28.57
CA THR B 256 -7.71 -31.17 29.75
C THR B 256 -7.19 -32.21 30.73
N ASN B 257 -6.88 -31.79 31.95
CA ASN B 257 -6.42 -32.70 32.99
C ASN B 257 -7.48 -32.88 34.08
N SER B 258 -7.32 -33.90 34.91
CA SER B 258 -8.34 -34.24 35.91
C SER B 258 -8.58 -33.15 36.94
N SER B 259 -7.53 -32.41 37.33
CA SER B 259 -7.73 -31.34 38.30
C SER B 259 -8.58 -30.22 37.71
N THR B 260 -8.36 -29.87 36.45
CA THR B 260 -9.15 -28.81 35.80
C THR B 260 -10.57 -29.26 35.57
N ALA B 261 -10.73 -30.52 35.20
CA ALA B 261 -12.05 -31.10 35.07
C ALA B 261 -12.83 -30.98 36.38
N GLU B 262 -12.15 -31.18 37.50
CA GLU B 262 -12.83 -31.09 38.79
C GLU B 262 -13.24 -29.65 39.11
N LEU B 263 -12.40 -28.67 38.76
CA LEU B 263 -12.80 -27.28 38.90
C LEU B 263 -14.05 -27.00 38.08
N LEU B 264 -14.11 -27.55 36.87
CA LEU B 264 -15.18 -27.27 35.91
C LEU B 264 -16.54 -27.86 36.26
N LEU B 265 -16.53 -28.94 37.03
CA LEU B 265 -17.74 -29.66 37.39
C LEU B 265 -18.32 -29.07 38.67
N LYS B 266 -17.47 -28.34 39.38
CA LYS B 266 -17.77 -27.86 40.72
C LYS B 266 -18.56 -26.56 40.61
N GLU C 12 35.65 -34.93 -7.84
CA GLU C 12 35.57 -33.59 -7.29
C GLU C 12 35.96 -32.66 -8.43
N ASN C 13 35.45 -31.44 -8.50
CA ASN C 13 35.90 -30.68 -9.66
C ASN C 13 36.85 -29.56 -9.29
N LEU C 14 38.06 -29.92 -8.88
CA LEU C 14 39.00 -28.95 -8.33
C LEU C 14 39.36 -27.87 -9.34
N TRP C 15 39.57 -28.28 -10.59
CA TRP C 15 39.95 -27.34 -11.64
C TRP C 15 38.82 -26.32 -11.91
N LEU C 16 37.62 -26.81 -12.19
CA LEU C 16 36.49 -25.90 -12.41
C LEU C 16 36.26 -24.94 -11.25
N GLU C 17 36.43 -25.43 -10.02
CA GLU C 17 36.28 -24.61 -8.81
C GLU C 17 37.34 -23.51 -8.73
N GLN C 18 38.61 -23.84 -8.96
N GLN C 18 38.58 -23.88 -9.00
CA GLN C 18 39.63 -22.79 -8.94
CA GLN C 18 39.70 -22.94 -8.98
C GLN C 18 39.36 -21.82 -10.09
C GLN C 18 39.63 -21.94 -10.15
N GLN C 19 39.01 -22.36 -11.24
CA GLN C 19 38.76 -21.51 -12.41
C GLN C 19 37.68 -20.47 -12.12
N LEU C 20 36.61 -20.91 -11.47
CA LEU C 20 35.54 -20.00 -11.08
C LEU C 20 36.04 -19.00 -10.03
N LYS C 21 36.77 -19.49 -9.04
N LYS C 21 36.77 -19.50 -9.05
CA LYS C 21 37.29 -18.66 -7.97
CA LYS C 21 37.30 -18.68 -7.97
C LYS C 21 38.18 -17.55 -8.51
C LYS C 21 38.17 -17.56 -8.50
N GLN C 22 39.07 -17.91 -9.41
CA GLN C 22 39.97 -16.94 -10.03
C GLN C 22 39.20 -15.96 -10.90
N LYS C 23 38.31 -16.46 -11.75
CA LYS C 23 37.63 -15.60 -12.69
C LYS C 23 36.70 -14.59 -12.00
N PHE C 24 35.99 -15.02 -10.96
CA PHE C 24 35.02 -14.12 -10.33
C PHE C 24 35.42 -13.66 -8.95
N GLY C 25 36.63 -14.02 -8.52
CA GLY C 25 37.13 -13.58 -7.23
C GLY C 25 36.29 -14.08 -6.06
N LEU C 26 36.02 -15.39 -6.03
CA LEU C 26 35.15 -16.00 -5.04
C LEU C 26 35.97 -16.48 -3.87
N LYS C 27 35.39 -16.47 -2.68
CA LYS C 27 36.09 -17.03 -1.52
C LYS C 27 36.01 -18.54 -1.56
N ASP C 28 34.90 -19.08 -2.05
CA ASP C 28 34.79 -20.54 -2.06
C ASP C 28 33.78 -21.04 -3.10
N VAL C 29 34.03 -22.24 -3.63
CA VAL C 29 33.21 -22.78 -4.71
C VAL C 29 33.10 -24.28 -4.56
N VAL C 30 31.89 -24.76 -4.79
CA VAL C 30 31.59 -26.18 -4.90
C VAL C 30 31.01 -26.49 -6.29
N VAL C 31 31.65 -27.39 -7.02
CA VAL C 31 31.14 -27.82 -8.32
C VAL C 31 30.97 -29.32 -8.33
N VAL C 32 29.74 -29.77 -8.52
CA VAL C 32 29.44 -31.19 -8.51
C VAL C 32 29.33 -31.74 -9.92
N SER C 33 29.65 -33.02 -10.07
CA SER C 33 29.57 -33.66 -11.38
C SER C 33 28.13 -34.08 -11.65
N GLY C 34 27.53 -33.55 -12.72
CA GLY C 34 26.19 -33.94 -13.09
C GLY C 34 26.12 -35.39 -13.52
N ASN C 35 27.17 -35.86 -14.17
CA ASN C 35 27.26 -37.24 -14.61
C ASN C 35 26.02 -37.69 -15.36
N ASP C 36 25.43 -36.79 -16.13
CA ASP C 36 24.27 -37.12 -16.94
C ASP C 36 23.09 -37.58 -16.09
N GLU C 37 22.97 -37.02 -14.89
CA GLU C 37 21.90 -37.38 -13.97
C GLU C 37 20.69 -36.49 -14.17
N ASP C 38 19.51 -36.99 -13.79
CA ASP C 38 18.29 -36.20 -13.81
C ASP C 38 18.49 -34.86 -13.12
N GLU C 39 17.69 -33.87 -13.51
CA GLU C 39 17.73 -32.57 -12.88
C GLU C 39 17.58 -32.66 -11.36
N GLU C 40 16.69 -33.56 -10.91
CA GLU C 40 16.35 -33.65 -9.50
C GLU C 40 17.54 -34.10 -8.67
N THR C 41 18.30 -35.07 -9.20
CA THR C 41 19.37 -35.71 -8.44
C THR C 41 20.61 -34.83 -8.38
N GLN C 42 20.86 -34.10 -9.46
CA GLN C 42 21.95 -33.13 -9.50
C GLN C 42 21.72 -32.06 -8.43
N LEU C 43 20.49 -31.57 -8.34
CA LEU C 43 20.14 -30.61 -7.31
C LEU C 43 20.33 -31.20 -5.90
N ALA C 44 19.92 -32.45 -5.73
CA ALA C 44 20.17 -33.12 -4.46
C ALA C 44 21.67 -33.12 -4.18
N GLY C 47 22.84 -29.93 -3.07
CA GLY C 47 22.35 -29.78 -1.72
C GLY C 47 23.32 -30.36 -0.70
N LEU C 48 23.70 -31.62 -0.88
CA LEU C 48 24.58 -32.29 0.07
C LEU C 48 25.95 -31.59 0.15
N HIS C 49 26.55 -31.34 -1.01
CA HIS C 49 27.88 -30.78 -1.04
C HIS C 49 27.88 -29.32 -0.61
N GLY C 50 26.78 -28.62 -0.86
CA GLY C 50 26.66 -27.25 -0.41
C GLY C 50 26.45 -27.15 1.09
N ALA C 51 25.75 -28.12 1.66
CA ALA C 51 25.56 -28.18 3.11
C ALA C 51 26.89 -28.42 3.81
N GLN C 52 27.73 -29.28 3.22
CA GLN C 52 29.05 -29.55 3.81
C GLN C 52 29.91 -28.30 3.80
N LEU C 53 29.85 -27.57 2.69
CA LEU C 53 30.47 -26.27 2.61
C LEU C 53 30.00 -25.37 3.74
N LEU C 54 28.68 -25.22 3.90
CA LEU C 54 28.19 -24.28 4.89
C LEU C 54 28.71 -24.70 6.25
N ASP C 55 28.66 -26.00 6.50
CA ASP C 55 29.10 -26.48 7.80
C ASP C 55 30.59 -26.19 8.04
N ARG C 56 31.39 -26.16 6.97
CA ARG C 56 32.81 -25.82 7.09
C ARG C 56 32.96 -24.35 7.44
N LEU C 57 32.11 -23.53 6.87
CA LEU C 57 32.31 -22.09 6.98
C LEU C 57 31.73 -21.46 8.24
N LEU C 58 30.78 -22.15 8.87
CA LEU C 58 30.10 -21.60 10.05
C LEU C 58 31.09 -21.30 11.19
N GLU C 59 30.89 -20.18 11.88
CA GLU C 59 31.59 -19.90 13.14
C GLU C 59 30.58 -19.68 14.25
N PRO C 60 30.95 -20.00 15.49
CA PRO C 60 29.98 -19.83 16.59
C PRO C 60 29.45 -18.40 16.66
N GLY C 61 28.16 -18.31 16.97
CA GLY C 61 27.48 -17.03 17.07
C GLY C 61 26.96 -16.47 15.76
N ASP C 62 27.27 -17.13 14.65
CA ASP C 62 26.92 -16.61 13.34
C ASP C 62 25.43 -16.38 13.20
N ILE C 63 25.09 -15.26 12.55
CA ILE C 63 23.73 -15.01 12.04
C ILE C 63 23.67 -15.52 10.63
N VAL C 64 22.78 -16.50 10.40
CA VAL C 64 22.65 -17.17 9.11
C VAL C 64 21.28 -16.86 8.47
N GLY C 65 21.30 -16.25 7.29
CA GLY C 65 20.09 -15.83 6.58
C GLY C 65 19.75 -16.76 5.42
N PHE C 66 18.47 -16.99 5.20
CA PHE C 66 18.01 -17.97 4.21
C PHE C 66 16.98 -17.33 3.32
N SER C 67 17.15 -17.52 2.02
CA SER C 67 16.10 -17.17 1.07
C SER C 67 15.15 -18.34 0.91
N TRP C 68 14.17 -18.21 0.01
CA TRP C 68 13.22 -19.30 -0.19
C TRP C 68 13.61 -20.17 -1.39
N GLY C 69 12.79 -21.18 -1.69
CA GLY C 69 12.89 -21.89 -2.95
C GLY C 69 13.55 -23.25 -2.91
N ARG C 70 13.51 -23.93 -4.05
CA ARG C 70 13.96 -25.31 -4.16
C ARG C 70 15.49 -25.52 -4.00
N ALA C 71 16.30 -24.57 -4.45
CA ALA C 71 17.76 -24.71 -4.33
C ALA C 71 18.19 -24.63 -2.87
N VAL C 72 17.77 -23.57 -2.19
CA VAL C 72 18.09 -23.42 -0.79
C VAL C 72 17.56 -24.60 -0.02
N SER C 73 16.39 -25.09 -0.42
CA SER C 73 15.80 -26.21 0.30
C SER C 73 16.67 -27.46 0.15
N ALA C 74 17.17 -27.71 -1.05
CA ALA C 74 18.06 -28.85 -1.28
C ALA C 74 19.22 -28.86 -0.27
N LEU C 75 19.75 -27.69 0.05
CA LEU C 75 20.85 -27.58 0.99
C LEU C 75 20.36 -27.83 2.40
N VAL C 76 19.31 -27.12 2.82
CA VAL C 76 18.79 -27.29 4.17
C VAL C 76 18.41 -28.75 4.40
N GLU C 77 17.77 -29.38 3.42
CA GLU C 77 17.33 -30.77 3.60
C GLU C 77 18.51 -31.73 3.80
N ASN C 78 19.70 -31.33 3.37
CA ASN C 78 20.88 -32.18 3.52
C ASN C 78 21.82 -31.81 4.66
N LEU C 79 21.50 -30.76 5.44
CA LEU C 79 22.28 -30.50 6.63
C LEU C 79 22.15 -31.69 7.59
N PRO C 80 23.25 -32.08 8.26
CA PRO C 80 23.26 -33.11 9.31
C PRO C 80 22.64 -32.58 10.60
N GLN C 81 22.08 -33.46 11.42
CA GLN C 81 21.68 -33.04 12.76
C GLN C 81 22.93 -32.81 13.61
N ALA C 82 23.18 -31.56 14.00
CA ALA C 82 24.33 -31.22 14.83
C ALA C 82 24.18 -31.78 16.25
N GLY C 83 25.23 -32.44 16.72
CA GLY C 83 25.26 -32.86 18.11
C GLY C 83 25.41 -31.67 19.05
N GLN C 84 26.16 -30.67 18.61
CA GLN C 84 26.51 -29.54 19.47
C GLN C 84 26.04 -28.23 18.88
N SER C 85 25.42 -27.38 19.70
CA SER C 85 25.10 -26.04 19.28
C SER C 85 26.38 -25.24 19.01
N ARG C 86 26.32 -24.33 18.03
CA ARG C 86 27.36 -23.33 17.82
C ARG C 86 26.76 -21.96 18.03
N GLN C 87 25.74 -21.89 18.90
CA GLN C 87 24.98 -20.67 19.13
C GLN C 87 24.63 -19.90 17.86
N LEU C 88 24.18 -20.64 16.86
CA LEU C 88 23.81 -20.06 15.58
C LEU C 88 22.40 -19.46 15.63
N ILE C 89 22.18 -18.35 14.92
CA ILE C 89 20.84 -17.79 14.78
C ILE C 89 20.46 -17.83 13.32
N CYS C 90 19.29 -18.40 13.00
CA CYS C 90 18.80 -18.44 11.61
C CYS C 90 17.61 -17.51 11.40
N VAL C 91 17.67 -16.73 10.31
CA VAL C 91 16.62 -15.78 9.99
C VAL C 91 16.33 -15.84 8.50
N PRO C 92 15.07 -15.56 8.13
CA PRO C 92 14.73 -15.41 6.71
C PRO C 92 15.31 -14.09 6.25
N ILE C 93 15.75 -13.99 4.99
CA ILE C 93 16.19 -12.68 4.50
C ILE C 93 15.24 -12.21 3.42
N ILE C 94 14.04 -12.78 3.42
CA ILE C 94 12.97 -12.29 2.59
C ILE C 94 11.64 -12.71 3.24
N GLY C 95 10.57 -11.95 2.98
CA GLY C 95 9.29 -12.27 3.58
C GLY C 95 8.66 -13.51 2.97
N GLY C 96 7.47 -13.87 3.43
CA GLY C 96 6.81 -15.05 2.90
C GLY C 96 6.36 -14.85 1.46
N PRO C 97 6.15 -15.95 0.73
CA PRO C 97 5.75 -15.94 -0.69
C PRO C 97 4.23 -15.77 -0.91
N SER C 98 3.46 -15.52 0.15
CA SER C 98 2.01 -15.40 0.01
C SER C 98 1.44 -16.48 -0.92
N GLY C 99 1.78 -17.74 -0.68
CA GLY C 99 1.17 -18.83 -1.40
C GLY C 99 1.71 -19.13 -2.80
N LYS C 100 2.69 -18.36 -3.25
CA LYS C 100 3.34 -18.60 -4.54
C LYS C 100 4.32 -19.78 -4.54
N LEU C 101 4.70 -20.26 -3.36
CA LEU C 101 5.47 -21.50 -3.27
C LEU C 101 4.75 -22.48 -2.36
N GLU C 102 4.94 -23.78 -2.59
CA GLU C 102 4.41 -24.79 -1.69
C GLU C 102 5.06 -24.58 -0.33
N SER C 103 4.42 -25.05 0.72
CA SER C 103 4.92 -24.83 2.07
C SER C 103 6.36 -25.30 2.26
N ARG C 104 6.67 -26.45 1.68
N ARG C 104 6.68 -26.44 1.66
CA ARG C 104 8.00 -27.03 1.79
CA ARG C 104 8.01 -27.02 1.85
C ARG C 104 9.11 -26.03 1.46
C ARG C 104 9.15 -26.13 1.35
N TYR C 105 8.84 -25.12 0.53
CA TYR C 105 9.86 -24.18 0.05
C TYR C 105 9.75 -22.76 0.63
N HIS C 106 8.80 -22.56 1.51
CA HIS C 106 8.58 -21.28 2.15
C HIS C 106 9.84 -20.90 2.94
N VAL C 107 10.22 -19.62 2.90
CA VAL C 107 11.42 -19.17 3.62
C VAL C 107 11.41 -19.53 5.11
N ASN C 108 10.27 -19.37 5.81
CA ASN C 108 10.24 -19.74 7.24
C ASN C 108 10.41 -21.23 7.44
N THR C 109 9.89 -22.03 6.51
CA THR C 109 10.02 -23.48 6.63
C THR C 109 11.53 -23.86 6.62
N LEU C 110 12.25 -23.30 5.66
CA LEU C 110 13.68 -23.60 5.53
C LEU C 110 14.48 -23.08 6.74
N THR C 111 14.17 -21.85 7.16
CA THR C 111 14.86 -21.23 8.27
C THR C 111 14.70 -22.07 9.54
N TYR C 112 13.45 -22.42 9.85
CA TYR C 112 13.18 -23.23 11.03
C TYR C 112 13.84 -24.59 10.93
N SER C 113 13.77 -25.24 9.78
CA SER C 113 14.41 -26.56 9.65
C SER C 113 15.94 -26.45 9.82
N ALA C 114 16.51 -25.38 9.27
CA ALA C 114 17.94 -25.15 9.38
C ALA C 114 18.34 -25.04 10.84
N ALA C 115 17.63 -24.20 11.61
CA ALA C 115 17.94 -24.00 13.02
C ALA C 115 17.89 -25.31 13.79
N ALA C 116 16.89 -26.13 13.47
CA ALA C 116 16.74 -27.42 14.15
C ALA C 116 17.94 -28.32 13.89
N LYS C 117 18.34 -28.43 12.63
CA LYS C 117 19.50 -29.25 12.26
C LYS C 117 20.84 -28.67 12.81
N LEU C 118 20.94 -27.34 12.86
CA LEU C 118 22.14 -26.67 13.37
C LEU C 118 22.11 -26.47 14.88
N LYS C 119 21.06 -26.97 15.53
CA LYS C 119 20.86 -26.78 16.96
C LYS C 119 20.95 -25.32 17.38
N GLY C 120 20.46 -24.43 16.53
CA GLY C 120 20.38 -23.02 16.87
C GLY C 120 18.97 -22.52 17.08
N GLU C 121 18.80 -21.22 17.00
CA GLU C 121 17.49 -20.62 17.19
C GLU C 121 17.07 -19.96 15.90
N SER C 122 15.78 -19.90 15.61
CA SER C 122 15.27 -19.20 14.44
C SER C 122 14.35 -18.05 14.86
N HIS C 123 14.32 -17.00 14.07
CA HIS C 123 13.33 -15.94 14.25
C HIS C 123 12.63 -15.81 12.91
N LEU C 124 11.35 -16.19 12.88
CA LEU C 124 10.60 -16.22 11.62
C LEU C 124 9.95 -14.88 11.27
N ALA C 125 9.66 -14.71 9.98
CA ALA C 125 9.18 -13.45 9.44
C ALA C 125 7.67 -13.54 9.23
N ASP C 126 6.92 -12.65 9.85
CA ASP C 126 5.46 -12.64 9.72
C ASP C 126 4.96 -11.49 8.85
N PHE C 127 5.62 -11.33 7.71
CA PHE C 127 5.23 -10.35 6.71
C PHE C 127 5.54 -10.98 5.37
N PRO C 128 4.78 -10.57 4.33
CA PRO C 128 4.97 -11.05 2.96
C PRO C 128 6.17 -10.38 2.33
N ALA C 129 6.83 -11.08 1.41
CA ALA C 129 7.86 -10.51 0.56
C ALA C 129 7.30 -9.42 -0.38
N LEU C 130 6.09 -9.61 -0.88
CA LEU C 130 5.54 -8.66 -1.86
C LEU C 130 4.19 -8.10 -1.44
N LEU C 131 4.02 -6.80 -1.54
CA LEU C 131 2.72 -6.21 -1.19
C LEU C 131 1.99 -5.62 -2.41
N ASP C 132 0.69 -5.42 -2.26
CA ASP C 132 -0.16 -4.98 -3.37
C ASP C 132 0.25 -3.60 -3.80
N ASN C 133 0.58 -2.78 -2.81
CA ASN C 133 0.95 -1.38 -3.06
C ASN C 133 1.89 -0.91 -1.97
N PRO C 134 2.51 0.27 -2.17
CA PRO C 134 3.61 0.70 -1.30
C PRO C 134 3.17 1.26 0.05
N LEU C 135 1.94 1.74 0.17
N LEU C 135 1.95 1.76 0.14
CA LEU C 135 1.47 2.21 1.47
CA LEU C 135 1.43 2.19 1.42
C LEU C 135 1.47 1.09 2.52
C LEU C 135 1.59 1.06 2.45
N ILE C 136 1.05 -0.10 2.12
CA ILE C 136 1.06 -1.27 3.02
C ILE C 136 2.49 -1.68 3.40
N ARG C 137 3.38 -1.72 2.40
CA ARG C 137 4.78 -2.05 2.63
C ARG C 137 5.37 -1.16 3.72
N ASN C 138 5.20 0.14 3.55
CA ASN C 138 5.82 1.08 4.47
C ASN C 138 5.31 0.89 5.90
N GLY C 139 4.02 0.66 6.04
CA GLY C 139 3.44 0.41 7.35
C GLY C 139 4.06 -0.81 7.99
N ILE C 140 4.16 -1.89 7.22
CA ILE C 140 4.70 -3.11 7.81
C ILE C 140 6.13 -2.86 8.30
N GLN C 142 7.28 -0.28 9.53
CA GLN C 142 7.24 0.52 10.74
C GLN C 142 7.11 -0.40 11.94
N SER C 143 6.73 -1.65 11.72
CA SER C 143 6.42 -2.50 12.84
C SER C 143 7.69 -2.87 13.58
N GLN C 144 7.57 -3.04 14.89
CA GLN C 144 8.70 -3.47 15.69
C GLN C 144 9.14 -4.88 15.28
N HIS C 145 8.22 -5.70 14.78
CA HIS C 145 8.60 -7.02 14.32
C HIS C 145 9.48 -6.95 13.08
N PHE C 146 9.06 -6.15 12.10
CA PHE C 146 9.90 -6.01 10.92
C PHE C 146 11.27 -5.47 11.32
N LYS C 147 11.27 -4.48 12.21
CA LYS C 147 12.54 -3.86 12.60
C LYS C 147 13.47 -4.87 13.24
N THR C 148 12.90 -5.81 14.00
CA THR C 148 13.71 -6.83 14.66
C THR C 148 14.39 -7.77 13.66
N ILE C 149 13.63 -8.24 12.67
CA ILE C 149 14.18 -9.11 11.67
C ILE C 149 15.22 -8.33 10.85
N SER C 150 14.90 -7.08 10.50
CA SER C 150 15.81 -6.30 9.66
C SER C 150 17.14 -5.98 10.38
N ALA C 151 17.11 -5.90 11.71
CA ALA C 151 18.32 -5.66 12.47
C ALA C 151 19.24 -6.88 12.36
N TYR C 152 18.67 -8.07 12.28
CA TYR C 152 19.48 -9.26 11.97
C TYR C 152 20.10 -9.17 10.59
N TRP C 153 19.32 -8.68 9.62
CA TRP C 153 19.88 -8.53 8.28
C TRP C 153 21.09 -7.62 8.26
N ASP C 154 21.08 -6.62 9.14
CA ASP C 154 22.15 -5.62 9.26
C ASP C 154 23.46 -6.21 9.79
N ASN C 155 23.38 -7.39 10.38
CA ASN C 155 24.53 -8.04 11.00
C ASN C 155 24.67 -9.46 10.47
N LEU C 156 24.20 -9.70 9.25
CA LEU C 156 24.23 -11.04 8.68
C LEU C 156 25.67 -11.56 8.57
N ASP C 157 25.88 -12.81 8.98
CA ASP C 157 27.21 -13.42 8.83
C ASP C 157 27.31 -14.29 7.59
N ILE C 158 26.28 -15.10 7.34
CA ILE C 158 26.30 -16.00 6.19
C ILE C 158 24.90 -15.97 5.60
N ALA C 159 24.82 -15.94 4.28
CA ALA C 159 23.53 -16.03 3.58
C ALA C 159 23.54 -17.20 2.62
N LEU C 160 22.38 -17.83 2.48
N LEU C 160 22.36 -17.79 2.44
CA LEU C 160 22.19 -18.89 1.50
CA LEU C 160 22.20 -18.86 1.49
C LEU C 160 21.08 -18.40 0.59
C LEU C 160 21.05 -18.52 0.56
N VAL C 161 21.37 -18.24 -0.70
CA VAL C 161 20.35 -17.77 -1.62
C VAL C 161 20.27 -18.58 -2.89
N GLY C 162 19.05 -18.73 -3.42
CA GLY C 162 18.89 -19.15 -4.79
C GLY C 162 18.93 -17.98 -5.77
N ILE C 163 19.00 -18.28 -7.06
CA ILE C 163 19.08 -17.26 -8.09
C ILE C 163 17.94 -17.39 -9.09
N GLY C 164 17.16 -16.34 -9.26
CA GLY C 164 16.04 -16.37 -10.17
C GLY C 164 16.43 -15.87 -11.55
N SER C 165 15.66 -16.26 -12.56
CA SER C 165 15.86 -15.78 -13.92
C SER C 165 14.70 -16.24 -14.80
N PRO C 166 14.56 -15.63 -15.97
CA PRO C 166 13.53 -16.00 -16.94
C PRO C 166 14.05 -17.02 -17.95
N ALA C 188 12.57 -7.10 -20.50
CA ALA C 188 12.56 -5.90 -21.31
C ALA C 188 13.48 -4.83 -20.75
N ARG C 189 13.56 -4.74 -19.43
CA ARG C 189 14.45 -3.76 -18.80
C ARG C 189 15.83 -4.35 -18.55
N GLN C 190 16.19 -5.38 -19.31
CA GLN C 190 17.52 -5.94 -19.26
C GLN C 190 17.76 -6.80 -18.02
N VAL C 191 16.70 -7.17 -17.31
CA VAL C 191 16.86 -7.97 -16.09
C VAL C 191 17.43 -9.35 -16.37
N ALA C 192 18.59 -9.64 -15.78
CA ALA C 192 19.27 -10.92 -15.96
C ALA C 192 18.88 -11.95 -14.90
N GLY C 193 18.74 -11.49 -13.66
CA GLY C 193 18.33 -12.39 -12.60
C GLY C 193 17.88 -11.68 -11.34
N ASP C 194 17.61 -12.45 -10.30
CA ASP C 194 17.29 -11.81 -9.03
C ASP C 194 17.75 -12.64 -7.84
N ILE C 195 18.10 -11.94 -6.78
CA ILE C 195 18.33 -12.52 -5.46
C ILE C 195 17.35 -11.89 -4.45
N CYS C 196 16.59 -12.72 -3.76
CA CYS C 196 15.61 -12.19 -2.80
C CYS C 196 14.73 -11.12 -3.48
N SER C 197 14.30 -11.44 -4.70
CA SER C 197 13.42 -10.60 -5.49
C SER C 197 13.98 -9.18 -5.54
N ARG C 198 15.29 -9.13 -5.80
CA ARG C 198 15.97 -7.92 -6.21
C ARG C 198 16.75 -8.23 -7.49
N PHE C 199 16.57 -7.37 -8.48
CA PHE C 199 16.94 -7.69 -9.84
C PHE C 199 18.17 -6.90 -10.27
N PHE C 200 18.90 -7.47 -11.23
CA PHE C 200 20.14 -6.89 -11.73
C PHE C 200 20.27 -7.33 -13.16
N ASP C 201 21.14 -6.65 -13.90
CA ASP C 201 21.40 -6.99 -15.29
C ASP C 201 22.59 -7.94 -15.39
N ILE C 202 22.89 -8.34 -16.61
CA ILE C 202 23.90 -9.34 -16.92
C ILE C 202 25.27 -8.89 -16.44
N HIS C 203 25.39 -7.61 -16.15
CA HIS C 203 26.67 -7.05 -15.71
C HIS C 203 26.73 -6.88 -14.20
N GLY C 204 25.72 -7.41 -13.50
CA GLY C 204 25.70 -7.33 -12.06
C GLY C 204 25.23 -5.99 -11.53
N ALA C 205 24.69 -5.16 -12.42
CA ALA C 205 24.17 -3.85 -12.04
C ALA C 205 22.71 -3.96 -11.61
N VAL C 207 18.85 -3.28 -11.15
CA VAL C 207 17.82 -2.64 -12.00
C VAL C 207 16.53 -2.32 -11.24
N GLU C 208 16.06 -1.09 -11.38
CA GLU C 208 14.81 -0.67 -10.75
C GLU C 208 13.60 -1.31 -11.40
N THR C 209 12.68 -1.78 -10.57
CA THR C 209 11.42 -2.31 -11.06
C THR C 209 10.27 -1.60 -10.36
N ASN C 210 9.05 -1.82 -10.85
CA ASN C 210 7.87 -1.31 -10.18
C ASN C 210 7.64 -2.08 -8.88
N SER C 212 9.90 -2.71 -6.72
CA SER C 212 10.84 -2.30 -5.68
C SER C 212 10.19 -1.66 -4.44
N GLU C 213 9.25 -0.76 -4.67
N GLU C 213 9.23 -0.77 -4.64
CA GLU C 213 8.56 -0.09 -3.57
CA GLU C 213 8.63 -0.11 -3.48
C GLU C 213 7.41 -0.92 -3.02
C GLU C 213 7.55 -0.97 -2.83
N LYS C 214 7.48 -2.23 -3.24
CA LYS C 214 6.43 -3.14 -2.78
C LYS C 214 7.05 -4.37 -2.09
N THR C 215 8.37 -4.37 -2.02
CA THR C 215 9.17 -5.54 -1.68
C THR C 215 9.71 -5.46 -0.25
N LEU C 216 9.63 -6.57 0.49
CA LEU C 216 10.18 -6.69 1.83
C LEU C 216 11.24 -7.78 1.90
N SER C 217 12.50 -7.39 1.76
CA SER C 217 13.62 -8.34 1.84
C SER C 217 14.93 -7.59 2.05
N ILE C 218 15.99 -8.36 2.26
CA ILE C 218 17.28 -7.80 2.53
C ILE C 218 17.72 -7.00 1.29
N GLU C 219 18.34 -5.86 1.51
CA GLU C 219 18.93 -5.08 0.42
C GLU C 219 20.28 -5.66 -0.02
N ASN C 221 22.98 -4.42 -0.70
CA ASN C 221 23.97 -3.75 0.14
C ASN C 221 24.36 -4.61 1.34
N LYS C 222 23.31 -5.06 2.03
CA LYS C 222 23.44 -5.83 3.28
C LYS C 222 23.91 -7.24 3.02
N LEU C 223 23.43 -7.83 1.92
CA LEU C 223 23.95 -9.13 1.47
C LEU C 223 25.47 -9.07 1.20
N LYS C 224 25.94 -7.99 0.57
CA LYS C 224 27.37 -7.87 0.27
C LYS C 224 28.22 -7.78 1.54
N GLN C 225 27.62 -7.43 2.66
CA GLN C 225 28.35 -7.32 3.92
C GLN C 225 28.50 -8.66 4.65
N ALA C 226 27.78 -9.69 4.22
CA ALA C 226 27.91 -11.03 4.84
C ALA C 226 29.32 -11.57 4.63
N ARG C 227 29.85 -12.28 5.63
CA ARG C 227 31.18 -12.87 5.51
C ARG C 227 31.14 -13.78 4.30
N TYR C 228 30.09 -14.60 4.23
CA TYR C 228 29.85 -15.43 3.07
C TYR C 228 28.42 -15.26 2.60
N SER C 229 28.28 -14.92 1.32
CA SER C 229 27.01 -15.00 0.63
C SER C 229 27.08 -16.12 -0.38
N ILE C 230 26.41 -17.22 -0.07
CA ILE C 230 26.49 -18.43 -0.87
C ILE C 230 25.29 -18.63 -1.81
N GLY C 231 25.51 -18.50 -3.11
CA GLY C 231 24.46 -18.77 -4.08
C GLY C 231 24.46 -20.23 -4.46
N ILE C 232 23.29 -20.84 -4.55
CA ILE C 232 23.20 -22.21 -5.02
C ILE C 232 22.26 -22.28 -6.20
N ALA C 233 22.78 -22.65 -7.36
CA ALA C 233 22.05 -22.51 -8.64
C ALA C 233 22.70 -23.26 -9.81
N SER C 235 21.94 -24.92 -14.20
CA SER C 235 21.19 -25.03 -15.45
C SER C 235 21.51 -23.92 -16.44
N GLU C 236 21.32 -24.25 -17.73
CA GLU C 236 21.66 -23.36 -18.84
C GLU C 236 20.71 -22.18 -18.89
N GLU C 237 19.62 -22.29 -18.15
CA GLU C 237 18.53 -21.34 -18.16
C GLU C 237 18.74 -20.28 -17.08
N LYS C 238 19.24 -20.71 -15.93
CA LYS C 238 19.62 -19.79 -14.86
C LYS C 238 20.89 -19.04 -15.27
N TYR C 239 21.58 -19.58 -16.28
CA TYR C 239 22.90 -19.09 -16.70
C TYR C 239 23.08 -17.57 -16.54
N SER C 240 22.21 -16.82 -17.19
CA SER C 240 22.31 -15.36 -17.23
C SER C 240 22.21 -14.73 -15.85
N GLY C 241 21.33 -15.27 -15.00
CA GLY C 241 21.18 -14.79 -13.63
C GLY C 241 22.38 -15.10 -12.78
N ILE C 242 22.97 -16.27 -12.97
CA ILE C 242 24.18 -16.65 -12.22
C ILE C 242 25.30 -15.67 -12.50
N ILE C 243 25.49 -15.34 -13.78
CA ILE C 243 26.61 -14.48 -14.14
C ILE C 243 26.45 -13.11 -13.53
N GLY C 244 25.24 -12.56 -13.63
CA GLY C 244 24.96 -11.24 -13.10
C GLY C 244 25.22 -11.22 -11.61
N ALA C 245 24.90 -12.34 -10.95
CA ALA C 245 25.07 -12.49 -9.52
C ALA C 245 26.56 -12.39 -9.16
N LEU C 246 27.39 -13.16 -9.84
CA LEU C 246 28.84 -13.15 -9.63
C LEU C 246 29.43 -11.77 -9.93
N ARG C 247 29.10 -11.23 -11.09
CA ARG C 247 29.61 -9.94 -11.51
C ARG C 247 29.24 -8.82 -10.55
N GLY C 248 28.03 -8.87 -10.02
CA GLY C 248 27.59 -7.87 -9.06
C GLY C 248 28.19 -8.09 -7.70
N LYS C 249 28.78 -9.28 -7.50
CA LYS C 249 29.37 -9.68 -6.23
C LYS C 249 28.32 -9.78 -5.12
N TYR C 250 27.11 -10.20 -5.50
CA TYR C 250 26.02 -10.40 -4.54
C TYR C 250 26.20 -11.73 -3.83
N ILE C 251 26.96 -12.63 -4.45
CA ILE C 251 27.38 -13.85 -3.77
C ILE C 251 28.91 -13.90 -3.85
N ASN C 252 29.56 -14.55 -2.89
CA ASN C 252 31.01 -14.72 -2.93
C ASN C 252 31.43 -16.17 -2.79
N CYS C 253 30.44 -17.04 -2.77
CA CYS C 253 30.64 -18.47 -2.96
C CYS C 253 29.55 -18.95 -3.92
N LEU C 254 29.83 -20.01 -4.65
CA LEU C 254 28.86 -20.58 -5.56
C LEU C 254 28.87 -22.08 -5.38
N VAL C 255 27.69 -22.63 -5.33
CA VAL C 255 27.47 -24.08 -5.36
C VAL C 255 26.70 -24.38 -6.64
N THR C 256 27.31 -25.13 -7.55
CA THR C 256 26.70 -25.32 -8.83
C THR C 256 27.17 -26.64 -9.44
N ASN C 257 26.75 -26.93 -10.67
CA ASN C 257 27.19 -28.18 -11.29
C ASN C 257 28.23 -28.00 -12.40
N SER C 258 28.82 -29.12 -12.84
CA SER C 258 29.86 -29.13 -13.88
C SER C 258 29.44 -28.32 -15.08
N SER C 259 28.26 -28.64 -15.58
CA SER C 259 27.78 -28.07 -16.85
C SER C 259 27.65 -26.57 -16.76
N THR C 260 27.03 -26.08 -15.70
CA THR C 260 26.93 -24.65 -15.45
C THR C 260 28.34 -24.03 -15.30
N ALA C 261 29.21 -24.67 -14.52
CA ALA C 261 30.56 -24.13 -14.30
C ALA C 261 31.25 -23.81 -15.61
N GLU C 262 31.31 -24.80 -16.49
CA GLU C 262 31.94 -24.64 -17.79
C GLU C 262 31.32 -23.48 -18.57
N LEU C 263 30.00 -23.43 -18.59
CA LEU C 263 29.28 -22.36 -19.27
C LEU C 263 29.66 -21.01 -18.70
N LEU C 264 29.87 -20.95 -17.40
CA LEU C 264 30.29 -19.73 -16.72
C LEU C 264 31.73 -19.32 -17.06
N LEU C 265 32.54 -20.27 -17.51
CA LEU C 265 33.93 -19.98 -17.86
C LEU C 265 34.17 -19.69 -19.34
N ASN D 11 -21.90 -4.87 17.88
CA ASN D 11 -22.61 -5.33 19.07
C ASN D 11 -23.46 -4.21 19.65
N GLU D 12 -22.94 -3.52 20.66
CA GLU D 12 -23.57 -2.29 21.15
C GLU D 12 -23.60 -1.25 20.03
N ASN D 13 -22.57 -1.25 19.18
CA ASN D 13 -22.52 -0.33 18.05
C ASN D 13 -23.73 -0.49 17.16
N LEU D 14 -24.10 -1.74 16.92
CA LEU D 14 -25.22 -2.05 16.05
C LEU D 14 -26.51 -1.49 16.63
N TRP D 15 -26.65 -1.60 17.94
CA TRP D 15 -27.83 -1.08 18.61
C TRP D 15 -27.85 0.43 18.55
N LEU D 16 -26.68 1.04 18.69
CA LEU D 16 -26.57 2.48 18.65
C LEU D 16 -26.91 2.91 17.22
N GLU D 17 -26.49 2.11 16.25
N GLU D 17 -26.50 2.09 16.26
CA GLU D 17 -26.82 2.39 14.85
CA GLU D 17 -26.80 2.31 14.85
C GLU D 17 -28.35 2.35 14.67
C GLU D 17 -28.32 2.31 14.63
N GLN D 18 -28.99 1.31 15.18
CA GLN D 18 -30.44 1.20 15.04
C GLN D 18 -31.15 2.39 15.68
N GLN D 19 -30.69 2.80 16.85
CA GLN D 19 -31.37 3.85 17.58
C GLN D 19 -31.24 5.15 16.82
N LEU D 20 -30.08 5.39 16.24
CA LEU D 20 -29.88 6.60 15.43
C LEU D 20 -30.78 6.60 14.19
N LYS D 21 -30.84 5.48 13.48
CA LYS D 21 -31.74 5.33 12.33
C LYS D 21 -33.15 5.76 12.68
N GLN D 22 -33.61 5.28 13.83
CA GLN D 22 -34.98 5.50 14.23
C GLN D 22 -35.20 6.94 14.69
N LYS D 23 -34.25 7.47 15.46
CA LYS D 23 -34.43 8.83 15.97
C LYS D 23 -34.45 9.85 14.83
N PHE D 24 -33.52 9.71 13.89
CA PHE D 24 -33.37 10.74 12.85
C PHE D 24 -33.88 10.37 11.44
N GLY D 25 -34.59 9.25 11.33
CA GLY D 25 -35.08 8.77 10.05
C GLY D 25 -33.97 8.53 9.03
N LEU D 26 -32.83 8.00 9.49
CA LEU D 26 -31.69 7.83 8.58
C LEU D 26 -31.78 6.55 7.76
N LYS D 27 -31.20 6.60 6.57
CA LYS D 27 -31.15 5.47 5.68
C LYS D 27 -30.14 4.44 6.20
N ASP D 28 -28.97 4.92 6.63
CA ASP D 28 -27.89 4.05 7.07
C ASP D 28 -27.05 4.76 8.11
N VAL D 29 -26.48 3.98 9.01
CA VAL D 29 -25.61 4.56 10.02
C VAL D 29 -24.49 3.59 10.27
N VAL D 30 -23.30 4.14 10.46
CA VAL D 30 -22.16 3.38 10.90
C VAL D 30 -21.70 3.99 12.21
N VAL D 31 -21.53 3.14 13.24
CA VAL D 31 -21.00 3.58 14.53
C VAL D 31 -19.82 2.69 14.92
N VAL D 32 -18.64 3.28 15.08
CA VAL D 32 -17.46 2.50 15.48
C VAL D 32 -17.05 2.79 16.93
N SER D 33 -16.32 1.85 17.54
CA SER D 33 -15.92 1.99 18.95
C SER D 33 -14.71 2.89 19.19
N GLY D 34 -13.52 2.41 18.87
CA GLY D 34 -12.30 3.14 19.18
C GLY D 34 -11.96 3.11 20.67
N GLU D 37 -10.63 5.22 22.65
CA GLU D 37 -9.26 5.21 22.16
C GLU D 37 -8.80 6.57 21.66
N ASP D 38 -7.88 6.54 20.71
CA ASP D 38 -7.24 7.74 20.18
C ASP D 38 -8.17 8.50 19.23
N GLU D 39 -7.72 9.66 18.74
CA GLU D 39 -8.52 10.48 17.84
C GLU D 39 -8.36 10.07 16.39
N GLU D 40 -7.12 10.04 15.92
CA GLU D 40 -6.86 9.79 14.50
C GLU D 40 -7.01 8.32 14.18
N THR D 41 -7.01 7.50 15.22
CA THR D 41 -7.27 6.07 15.06
C THR D 41 -8.75 5.88 14.73
N GLN D 42 -9.60 6.50 15.53
CA GLN D 42 -11.04 6.37 15.37
C GLN D 42 -11.44 6.81 13.98
N LEU D 43 -10.77 7.84 13.49
CA LEU D 43 -11.09 8.36 12.19
C LEU D 43 -10.76 7.35 11.11
N ALA D 44 -9.63 6.67 11.26
CA ALA D 44 -9.28 5.63 10.31
C ALA D 44 -10.31 4.50 10.35
N GLY D 47 -13.34 5.63 8.68
CA GLY D 47 -13.09 5.70 7.26
C GLY D 47 -13.26 4.33 6.67
N LEU D 48 -12.72 3.32 7.35
CA LEU D 48 -12.82 1.94 6.89
C LEU D 48 -14.27 1.42 6.76
N HIS D 49 -15.07 1.56 7.83
CA HIS D 49 -16.44 1.04 7.80
C HIS D 49 -17.36 1.94 6.96
N GLY D 50 -17.05 3.22 6.91
CA GLY D 50 -17.79 4.15 6.08
C GLY D 50 -17.55 3.87 4.62
N ALA D 51 -16.32 3.48 4.28
CA ALA D 51 -15.99 3.10 2.90
C ALA D 51 -16.73 1.82 2.53
N GLN D 52 -16.83 0.91 3.49
CA GLN D 52 -17.64 -0.30 3.31
C GLN D 52 -19.11 0.05 3.05
N LEU D 53 -19.64 1.01 3.79
CA LEU D 53 -20.99 1.47 3.57
C LEU D 53 -21.10 2.01 2.15
N LEU D 54 -20.25 2.96 1.79
CA LEU D 54 -20.35 3.58 0.47
C LEU D 54 -20.36 2.52 -0.63
N ASP D 55 -19.51 1.50 -0.49
CA ASP D 55 -19.32 0.54 -1.56
C ASP D 55 -20.56 -0.30 -1.78
N ARG D 56 -21.34 -0.46 -0.71
CA ARG D 56 -22.58 -1.23 -0.80
C ARG D 56 -23.73 -0.37 -1.32
N LEU D 57 -23.70 0.93 -1.02
CA LEU D 57 -24.79 1.84 -1.39
C LEU D 57 -24.72 2.27 -2.88
N LEU D 58 -23.53 2.23 -3.44
CA LEU D 58 -23.29 2.68 -4.81
C LEU D 58 -24.13 1.92 -5.81
N GLU D 59 -24.57 2.59 -6.85
CA GLU D 59 -25.31 1.95 -7.93
C GLU D 59 -24.61 2.32 -9.24
N PRO D 60 -24.57 1.37 -10.18
CA PRO D 60 -23.95 1.68 -11.47
C PRO D 60 -24.41 3.02 -12.03
N GLY D 61 -23.46 3.80 -12.53
CA GLY D 61 -23.77 5.09 -13.13
C GLY D 61 -23.94 6.23 -12.15
N ASP D 62 -23.79 5.94 -10.87
CA ASP D 62 -23.91 6.98 -9.85
C ASP D 62 -22.96 8.13 -10.12
N ILE D 63 -23.47 9.35 -10.02
CA ILE D 63 -22.61 10.51 -9.81
C ILE D 63 -22.31 10.64 -8.31
N VAL D 64 -21.01 10.60 -7.96
CA VAL D 64 -20.59 10.62 -6.56
C VAL D 64 -19.82 11.91 -6.24
N GLY D 65 -20.26 12.63 -5.22
CA GLY D 65 -19.69 13.93 -4.91
C GLY D 65 -18.93 13.93 -3.59
N PHE D 66 -17.78 14.61 -3.57
CA PHE D 66 -16.87 14.62 -2.43
C PHE D 66 -16.61 16.01 -1.87
N SER D 67 -16.70 16.17 -0.55
CA SER D 67 -16.28 17.44 0.02
C SER D 67 -14.82 17.28 0.37
N TRP D 68 -14.23 18.30 1.00
CA TRP D 68 -12.82 18.22 1.31
C TRP D 68 -12.60 17.74 2.74
N GLY D 69 -11.34 17.58 3.15
CA GLY D 69 -11.04 17.41 4.55
C GLY D 69 -10.60 16.03 5.01
N ARG D 70 -10.08 16.01 6.23
CA ARG D 70 -9.58 14.83 6.94
C ARG D 70 -10.60 13.69 7.02
N ALA D 71 -11.85 14.04 7.31
CA ALA D 71 -12.84 12.98 7.53
C ALA D 71 -13.17 12.26 6.23
N VAL D 72 -13.46 13.02 5.18
CA VAL D 72 -13.73 12.41 3.87
C VAL D 72 -12.50 11.68 3.38
N SER D 73 -11.32 12.25 3.70
CA SER D 73 -10.07 11.65 3.29
C SER D 73 -9.96 10.24 3.88
N ALA D 74 -10.29 10.12 5.16
CA ALA D 74 -10.21 8.85 5.86
C ALA D 74 -11.02 7.78 5.14
N LEU D 75 -12.20 8.15 4.67
CA LEU D 75 -13.04 7.20 3.93
C LEU D 75 -12.45 6.88 2.56
N VAL D 76 -12.04 7.90 1.82
CA VAL D 76 -11.48 7.66 0.50
C VAL D 76 -10.23 6.78 0.58
N GLU D 77 -9.32 7.08 1.52
CA GLU D 77 -8.12 6.27 1.71
C GLU D 77 -8.44 4.79 1.99
N ASN D 78 -9.61 4.50 2.52
CA ASN D 78 -9.92 3.12 2.92
C ASN D 78 -10.82 2.41 1.93
N LEU D 79 -11.11 3.05 0.81
CA LEU D 79 -11.95 2.43 -0.18
C LEU D 79 -11.24 1.23 -0.75
N PRO D 80 -11.94 0.08 -0.81
CA PRO D 80 -11.35 -1.07 -1.52
C PRO D 80 -11.06 -0.73 -2.98
N GLN D 81 -10.04 -1.34 -3.56
CA GLN D 81 -9.77 -1.16 -4.98
C GLN D 81 -10.70 -2.07 -5.78
N ALA D 82 -11.62 -1.46 -6.53
CA ALA D 82 -12.53 -2.23 -7.35
C ALA D 82 -11.72 -2.84 -8.49
N GLY D 83 -12.13 -4.04 -8.90
CA GLY D 83 -11.53 -4.73 -10.02
C GLY D 83 -12.34 -4.47 -11.28
N GLN D 84 -13.58 -4.02 -11.10
CA GLN D 84 -14.36 -3.59 -12.25
C GLN D 84 -15.17 -2.30 -12.05
N SER D 85 -15.35 -1.60 -13.15
CA SER D 85 -16.10 -0.36 -13.18
C SER D 85 -17.59 -0.56 -12.91
N ARG D 86 -18.19 0.44 -12.26
CA ARG D 86 -19.63 0.57 -12.17
C ARG D 86 -20.02 1.88 -12.82
N GLN D 87 -19.26 2.26 -13.83
CA GLN D 87 -19.56 3.44 -14.62
C GLN D 87 -19.81 4.63 -13.71
N LEU D 88 -19.03 4.71 -12.65
CA LEU D 88 -19.13 5.79 -11.68
C LEU D 88 -18.46 7.11 -12.13
N ILE D 89 -19.07 8.22 -11.73
CA ILE D 89 -18.50 9.54 -11.98
C ILE D 89 -18.22 10.26 -10.66
N CYS D 90 -16.97 10.64 -10.46
CA CYS D 90 -16.58 11.31 -9.23
C CYS D 90 -16.33 12.79 -9.45
N VAL D 91 -16.99 13.63 -8.66
CA VAL D 91 -16.91 15.09 -8.80
C VAL D 91 -16.76 15.73 -7.43
N PRO D 92 -16.03 16.85 -7.35
CA PRO D 92 -15.98 17.60 -6.10
C PRO D 92 -17.27 18.37 -5.96
N ILE D 93 -17.76 18.57 -4.73
CA ILE D 93 -18.99 19.38 -4.53
C ILE D 93 -18.68 20.67 -3.80
N ILE D 94 -17.41 21.05 -3.86
CA ILE D 94 -16.94 22.34 -3.36
C ILE D 94 -15.67 22.67 -4.15
N GLY D 95 -15.37 23.96 -4.33
CA GLY D 95 -14.15 24.37 -4.98
C GLY D 95 -12.92 24.09 -4.11
N GLY D 96 -11.73 24.38 -4.63
CA GLY D 96 -10.49 24.16 -3.88
C GLY D 96 -10.31 25.06 -2.67
N PRO D 97 -9.51 24.61 -1.68
CA PRO D 97 -9.37 25.32 -0.40
C PRO D 97 -8.45 26.54 -0.47
N SER D 98 -7.95 26.87 -1.66
CA SER D 98 -7.07 28.05 -1.85
C SER D 98 -5.91 28.09 -0.85
N GLY D 99 -5.25 26.97 -0.63
CA GLY D 99 -4.12 26.92 0.28
C GLY D 99 -4.44 26.68 1.76
N LYS D 100 -5.72 26.73 2.13
CA LYS D 100 -6.09 26.60 3.55
C LYS D 100 -6.15 25.15 4.08
N LEU D 101 -6.02 24.18 3.18
CA LEU D 101 -5.86 22.78 3.53
C LEU D 101 -4.62 22.26 2.81
N GLU D 102 -3.87 21.37 3.46
CA GLU D 102 -2.75 20.74 2.75
C GLU D 102 -3.27 19.89 1.60
N SER D 103 -2.43 19.68 0.59
CA SER D 103 -2.84 19.07 -0.66
C SER D 103 -3.50 17.72 -0.45
N ARG D 104 -3.06 16.97 0.55
CA ARG D 104 -3.64 15.65 0.75
C ARG D 104 -5.15 15.69 1.06
N TYR D 105 -5.65 16.81 1.58
CA TYR D 105 -7.07 16.90 1.93
C TYR D 105 -7.84 17.76 0.94
N HIS D 106 -7.14 18.27 -0.06
CA HIS D 106 -7.77 19.02 -1.14
C HIS D 106 -8.89 18.20 -1.81
N VAL D 107 -10.01 18.87 -2.08
CA VAL D 107 -11.18 18.20 -2.66
C VAL D 107 -10.86 17.47 -3.95
N ASN D 108 -10.02 18.04 -4.80
CA ASN D 108 -9.60 17.35 -6.03
C ASN D 108 -8.73 16.12 -5.78
N THR D 109 -7.82 16.21 -4.81
CA THR D 109 -7.01 15.06 -4.43
C THR D 109 -7.92 13.89 -4.07
N LEU D 110 -8.93 14.15 -3.24
CA LEU D 110 -9.84 13.10 -2.76
C LEU D 110 -10.71 12.52 -3.89
N THR D 111 -11.26 13.43 -4.69
CA THR D 111 -12.08 13.05 -5.81
C THR D 111 -11.31 12.16 -6.76
N TYR D 112 -10.07 12.56 -7.08
CA TYR D 112 -9.22 11.80 -7.97
C TYR D 112 -8.89 10.42 -7.42
N SER D 113 -8.52 10.36 -6.13
CA SER D 113 -8.18 9.08 -5.52
C SER D 113 -9.39 8.15 -5.49
N ALA D 114 -10.54 8.69 -5.15
CA ALA D 114 -11.74 7.87 -5.11
C ALA D 114 -12.07 7.32 -6.49
N ALA D 115 -11.92 8.14 -7.53
CA ALA D 115 -12.20 7.66 -8.88
C ALA D 115 -11.30 6.47 -9.24
N ALA D 116 -10.04 6.52 -8.81
CA ALA D 116 -9.11 5.44 -9.11
C ALA D 116 -9.48 4.17 -8.35
N LYS D 117 -9.76 4.30 -7.05
CA LYS D 117 -10.21 3.17 -6.26
C LYS D 117 -11.49 2.57 -6.81
N LEU D 118 -12.39 3.42 -7.32
CA LEU D 118 -13.73 2.99 -7.74
C LEU D 118 -13.77 2.65 -9.22
N LYS D 119 -12.63 2.77 -9.87
CA LYS D 119 -12.50 2.57 -11.31
C LYS D 119 -13.49 3.41 -12.09
N GLY D 120 -13.64 4.67 -11.68
CA GLY D 120 -14.54 5.56 -12.35
C GLY D 120 -13.79 6.73 -12.98
N GLU D 121 -14.55 7.72 -13.41
CA GLU D 121 -14.06 8.95 -14.02
C GLU D 121 -14.12 10.06 -12.99
N SER D 122 -13.22 11.03 -13.07
CA SER D 122 -13.31 12.18 -12.19
C SER D 122 -13.35 13.44 -13.01
N HIS D 123 -14.06 14.44 -12.53
CA HIS D 123 -14.00 15.75 -13.15
C HIS D 123 -13.66 16.73 -12.04
N LEU D 124 -12.45 17.30 -12.12
CA LEU D 124 -11.88 18.12 -11.05
C LEU D 124 -12.31 19.57 -11.21
N ALA D 125 -12.45 20.29 -10.10
CA ALA D 125 -12.84 21.69 -10.14
C ALA D 125 -11.63 22.61 -10.15
N ASP D 126 -11.60 23.52 -11.11
CA ASP D 126 -10.52 24.48 -11.22
C ASP D 126 -11.03 25.87 -10.87
N PHE D 127 -11.84 25.94 -9.83
CA PHE D 127 -12.25 27.23 -9.27
C PHE D 127 -12.11 27.12 -7.77
N PRO D 128 -11.95 28.25 -7.07
CA PRO D 128 -11.80 28.20 -5.62
C PRO D 128 -13.16 28.06 -4.95
N ALA D 129 -13.19 27.49 -3.76
CA ALA D 129 -14.38 27.45 -2.96
C ALA D 129 -14.80 28.82 -2.45
N LEU D 130 -13.84 29.64 -2.07
CA LEU D 130 -14.14 30.98 -1.54
C LEU D 130 -13.51 32.10 -2.33
N LEU D 131 -14.33 33.07 -2.71
CA LEU D 131 -13.83 34.24 -3.42
C LEU D 131 -14.26 35.50 -2.69
N ASP D 132 -13.32 36.40 -2.42
CA ASP D 132 -13.61 37.61 -1.63
C ASP D 132 -14.44 38.65 -2.38
N ASN D 133 -14.30 38.68 -3.70
CA ASN D 133 -14.99 39.64 -4.54
C ASN D 133 -16.21 38.97 -5.17
N PRO D 134 -17.41 39.49 -4.86
CA PRO D 134 -18.66 38.88 -5.34
C PRO D 134 -18.71 38.89 -6.87
N LEU D 135 -18.22 39.97 -7.46
CA LEU D 135 -18.16 40.11 -8.91
C LEU D 135 -17.42 38.91 -9.54
N ILE D 136 -16.19 38.66 -9.11
CA ILE D 136 -15.40 37.53 -9.63
C ILE D 136 -16.08 36.20 -9.38
N ARG D 137 -16.53 36.01 -8.15
CA ARG D 137 -17.30 34.81 -7.82
C ARG D 137 -18.44 34.57 -8.80
N ASN D 138 -19.19 35.62 -9.12
CA ASN D 138 -20.33 35.51 -10.02
C ASN D 138 -19.93 35.20 -11.45
N GLY D 139 -18.86 35.85 -11.91
CA GLY D 139 -18.33 35.63 -13.25
C GLY D 139 -17.84 34.21 -13.50
N ILE D 140 -17.26 33.59 -12.48
CA ILE D 140 -16.78 32.23 -12.65
C ILE D 140 -17.96 31.28 -12.74
N GLN D 142 -20.39 31.64 -14.35
CA GLN D 142 -20.99 31.75 -15.68
C GLN D 142 -20.14 31.05 -16.74
N SER D 143 -18.98 30.57 -16.34
CA SER D 143 -18.06 29.92 -17.27
C SER D 143 -18.58 28.52 -17.60
N GLN D 144 -18.20 27.97 -18.75
CA GLN D 144 -18.70 26.65 -19.12
C GLN D 144 -18.23 25.58 -18.14
N HIS D 145 -16.95 25.63 -17.74
CA HIS D 145 -16.41 24.70 -16.74
C HIS D 145 -17.24 24.62 -15.45
N PHE D 146 -17.53 25.75 -14.80
CA PHE D 146 -18.38 25.71 -13.61
C PHE D 146 -19.76 25.13 -13.91
N LYS D 147 -20.39 25.58 -14.99
CA LYS D 147 -21.71 25.07 -15.34
C LYS D 147 -21.60 23.57 -15.51
N THR D 148 -20.49 23.10 -16.06
CA THR D 148 -20.38 21.66 -16.27
C THR D 148 -20.35 20.91 -14.93
N ILE D 149 -19.54 21.41 -14.00
CA ILE D 149 -19.44 20.79 -12.67
C ILE D 149 -20.80 20.93 -11.96
N SER D 150 -21.39 22.10 -12.08
CA SER D 150 -22.65 22.37 -11.42
C SER D 150 -23.73 21.41 -11.91
N ALA D 151 -23.71 21.10 -13.21
CA ALA D 151 -24.74 20.23 -13.77
C ALA D 151 -24.60 18.83 -13.24
N TYR D 152 -23.40 18.44 -12.86
CA TYR D 152 -23.26 17.18 -12.14
C TYR D 152 -23.90 17.30 -10.75
N TRP D 153 -23.66 18.41 -10.07
CA TRP D 153 -24.29 18.63 -8.77
C TRP D 153 -25.82 18.50 -8.86
N ASP D 154 -26.37 18.96 -9.97
CA ASP D 154 -27.80 18.88 -10.23
C ASP D 154 -28.30 17.43 -10.25
N ASN D 155 -27.44 16.49 -10.58
CA ASN D 155 -27.83 15.09 -10.74
C ASN D 155 -27.09 14.20 -9.73
N LEU D 156 -26.54 14.78 -8.68
CA LEU D 156 -25.77 14.02 -7.71
C LEU D 156 -26.56 12.81 -7.17
N ASP D 157 -25.91 11.66 -7.10
CA ASP D 157 -26.53 10.46 -6.56
C ASP D 157 -26.12 10.23 -5.12
N ILE D 158 -24.81 10.36 -4.86
CA ILE D 158 -24.27 10.13 -3.53
C ILE D 158 -23.26 11.20 -3.15
N ALA D 159 -23.41 11.77 -1.96
CA ALA D 159 -22.42 12.72 -1.43
C ALA D 159 -21.67 12.16 -0.23
N LEU D 160 -20.39 12.49 -0.15
CA LEU D 160 -19.56 12.26 1.01
C LEU D 160 -19.14 13.60 1.53
N VAL D 161 -19.42 13.85 2.80
N VAL D 161 -19.48 13.87 2.78
CA VAL D 161 -19.35 15.19 3.36
CA VAL D 161 -19.27 15.19 3.33
C VAL D 161 -18.90 15.19 4.81
C VAL D 161 -18.77 15.08 4.76
N GLY D 162 -17.96 16.06 5.15
CA GLY D 162 -17.55 16.20 6.53
C GLY D 162 -18.46 17.28 7.11
N ILE D 163 -18.43 17.44 8.41
CA ILE D 163 -19.27 18.44 9.02
C ILE D 163 -18.40 19.44 9.77
N GLY D 164 -18.40 20.68 9.29
CA GLY D 164 -17.63 21.75 9.91
C GLY D 164 -18.25 22.14 11.24
N SER D 165 -17.45 22.73 12.12
CA SER D 165 -17.92 23.05 13.45
C SER D 165 -16.98 24.03 14.13
N PRO D 166 -17.53 24.99 14.88
CA PRO D 166 -16.76 25.97 15.64
C PRO D 166 -15.99 25.34 16.80
N ASN D 173 -10.36 24.42 12.29
CA ASN D 173 -10.48 24.93 10.93
C ASN D 173 -11.54 26.03 10.80
N TRP D 174 -12.48 26.05 11.74
CA TRP D 174 -13.52 27.05 11.76
C TRP D 174 -12.87 28.42 11.76
N HIS D 175 -11.87 28.56 12.64
CA HIS D 175 -11.06 29.76 12.69
C HIS D 175 -10.15 29.85 11.48
N ALA D 176 -9.60 28.72 11.08
CA ALA D 176 -8.68 28.67 9.95
C ALA D 176 -9.35 29.18 8.68
N PHE D 177 -10.49 28.59 8.35
CA PHE D 177 -11.20 28.92 7.12
C PHE D 177 -11.78 30.32 7.16
N TYR D 178 -12.37 30.68 8.28
CA TYR D 178 -13.22 31.85 8.32
C TYR D 178 -12.60 33.02 9.07
N GLY D 179 -11.53 32.74 9.81
CA GLY D 179 -10.82 33.77 10.55
C GLY D 179 -11.66 34.34 11.68
N GLY D 180 -11.01 35.10 12.57
CA GLY D 180 -11.69 35.66 13.70
C GLY D 180 -12.89 36.53 13.32
N GLU D 181 -12.66 37.45 12.39
CA GLU D 181 -13.68 38.43 12.01
C GLU D 181 -14.97 37.77 11.53
N GLU D 182 -14.84 36.78 10.65
CA GLU D 182 -16.02 36.11 10.10
C GLU D 182 -16.56 35.04 11.04
N SER D 183 -15.68 34.45 11.83
CA SER D 183 -16.08 33.45 12.82
C SER D 183 -16.98 34.09 13.87
N ASP D 184 -16.75 35.37 14.12
CA ASP D 184 -17.56 36.12 15.07
C ASP D 184 -19.01 36.12 14.63
N ASP D 185 -19.26 36.66 13.43
CA ASP D 185 -20.61 36.67 12.87
C ASP D 185 -21.24 35.29 12.98
N LEU D 186 -20.46 34.25 12.69
CA LEU D 186 -20.92 32.88 12.83
C LEU D 186 -21.32 32.58 14.26
N ASN D 187 -20.40 32.81 15.19
CA ASN D 187 -20.62 32.53 16.60
C ASN D 187 -21.74 33.37 17.18
N ALA D 188 -21.95 34.55 16.61
CA ALA D 188 -23.00 35.44 17.06
C ALA D 188 -24.33 35.07 16.44
N ARG D 189 -24.26 34.44 15.27
CA ARG D 189 -25.47 34.04 14.54
C ARG D 189 -25.93 32.65 14.92
N GLN D 190 -25.31 32.08 15.95
CA GLN D 190 -25.71 30.77 16.45
C GLN D 190 -25.51 29.69 15.37
N VAL D 191 -24.55 29.90 14.49
CA VAL D 191 -24.18 28.88 13.53
C VAL D 191 -23.65 27.64 14.24
N ALA D 192 -24.30 26.50 14.03
CA ALA D 192 -23.91 25.26 14.70
C ALA D 192 -22.85 24.50 13.92
N GLY D 193 -22.96 24.55 12.59
CA GLY D 193 -22.03 23.82 11.75
C GLY D 193 -22.14 24.26 10.31
N ASP D 194 -21.38 23.60 9.45
CA ASP D 194 -21.49 23.86 8.03
C ASP D 194 -21.21 22.58 7.26
N ILE D 195 -21.78 22.50 6.07
CA ILE D 195 -21.44 21.46 5.14
C ILE D 195 -21.12 22.17 3.84
N CYS D 196 -19.95 21.86 3.27
CA CYS D 196 -19.47 22.54 2.08
C CYS D 196 -19.57 24.07 2.18
N SER D 197 -19.25 24.59 3.34
CA SER D 197 -19.26 26.03 3.55
C SER D 197 -20.67 26.55 3.38
N ARG D 198 -21.61 25.77 3.90
CA ARG D 198 -22.99 26.17 3.98
C ARG D 198 -23.40 25.99 5.44
N PHE D 199 -23.78 27.10 6.07
CA PHE D 199 -23.96 27.13 7.51
C PHE D 199 -25.40 26.95 7.94
N PHE D 200 -25.57 26.36 9.13
CA PHE D 200 -26.90 26.12 9.70
C PHE D 200 -26.88 26.15 11.23
N ASP D 201 -28.07 26.34 11.82
N ASP D 201 -28.05 26.35 11.84
CA ASP D 201 -28.25 26.36 13.27
CA ASP D 201 -28.15 26.37 13.29
C ASP D 201 -28.33 24.95 13.83
C ASP D 201 -28.47 24.99 13.83
N ILE D 202 -28.45 24.86 15.16
CA ILE D 202 -28.57 23.56 15.81
C ILE D 202 -29.87 22.85 15.48
N HIS D 203 -30.84 23.58 14.94
CA HIS D 203 -32.14 22.99 14.64
C HIS D 203 -32.23 22.62 13.17
N GLY D 204 -31.17 22.91 12.44
CA GLY D 204 -31.10 22.56 11.03
C GLY D 204 -31.40 23.71 10.09
N ALA D 205 -31.79 24.85 10.64
CA ALA D 205 -32.15 25.99 9.81
C ALA D 205 -30.92 26.63 9.18
N VAL D 207 -28.54 29.65 7.82
CA VAL D 207 -28.25 30.95 8.37
C VAL D 207 -27.25 31.72 7.52
N GLU D 208 -27.67 32.87 7.01
CA GLU D 208 -26.81 33.68 6.14
C GLU D 208 -25.58 34.18 6.89
N THR D 209 -24.51 34.42 6.15
CA THR D 209 -23.25 34.86 6.71
C THR D 209 -22.47 35.73 5.73
N ASN D 210 -21.37 36.32 6.21
CA ASN D 210 -20.53 37.15 5.36
C ASN D 210 -19.91 36.36 4.21
N SER D 212 -22.10 33.73 2.53
CA SER D 212 -23.20 33.12 1.80
C SER D 212 -23.34 33.70 0.39
N GLU D 213 -22.43 34.59 0.01
CA GLU D 213 -22.52 35.28 -1.26
C GLU D 213 -21.29 34.99 -2.12
N LYS D 214 -20.23 34.51 -1.48
CA LYS D 214 -18.93 34.39 -2.12
C LYS D 214 -18.42 32.96 -2.15
N THR D 215 -19.35 32.02 -2.27
CA THR D 215 -19.01 30.61 -2.18
C THR D 215 -19.30 29.88 -3.48
N LEU D 216 -18.42 28.94 -3.79
CA LEU D 216 -18.57 28.08 -4.94
C LEU D 216 -18.68 26.64 -4.47
N SER D 217 -19.89 26.17 -4.17
CA SER D 217 -20.05 24.80 -3.69
C SER D 217 -21.47 24.38 -3.90
N ILE D 218 -21.75 23.08 -3.77
CA ILE D 218 -23.10 22.61 -3.98
C ILE D 218 -24.09 23.31 -3.03
N GLU D 219 -25.28 23.62 -3.52
CA GLU D 219 -26.29 24.22 -2.67
C GLU D 219 -26.97 23.16 -1.82
N ASN D 221 -29.94 22.66 -1.10
CA ASN D 221 -31.15 22.18 -1.77
C ASN D 221 -30.82 21.02 -2.69
N LYS D 222 -29.73 21.16 -3.43
CA LYS D 222 -29.27 20.12 -4.35
C LYS D 222 -28.72 18.89 -3.64
N LEU D 223 -28.02 19.13 -2.53
CA LEU D 223 -27.45 18.07 -1.72
C LEU D 223 -28.55 17.16 -1.18
N LYS D 224 -29.65 17.76 -0.74
CA LYS D 224 -30.79 17.01 -0.21
C LYS D 224 -31.49 16.14 -1.24
N GLN D 225 -31.24 16.39 -2.52
CA GLN D 225 -31.90 15.64 -3.57
C GLN D 225 -31.12 14.37 -3.88
N ALA D 226 -29.87 14.32 -3.43
CA ALA D 226 -29.07 13.10 -3.57
C ALA D 226 -29.76 11.92 -2.90
N ARG D 227 -29.63 10.73 -3.48
CA ARG D 227 -30.15 9.53 -2.88
C ARG D 227 -29.55 9.34 -1.49
N TYR D 228 -28.23 9.46 -1.40
CA TYR D 228 -27.56 9.38 -0.11
C TYR D 228 -26.60 10.57 0.05
N SER D 229 -26.68 11.24 1.19
CA SER D 229 -25.73 12.27 1.55
C SER D 229 -25.17 11.73 2.85
N ILE D 230 -23.92 11.30 2.78
CA ILE D 230 -23.29 10.60 3.90
C ILE D 230 -22.37 11.54 4.64
N GLY D 231 -22.76 11.95 5.85
CA GLY D 231 -21.88 12.73 6.69
C GLY D 231 -20.95 11.83 7.48
N ILE D 232 -19.70 12.25 7.60
CA ILE D 232 -18.73 11.54 8.42
C ILE D 232 -18.10 12.56 9.37
N ALA D 233 -18.31 12.36 10.67
CA ALA D 233 -17.89 13.31 11.68
C ALA D 233 -17.96 12.70 13.07
N SER D 235 -17.17 13.65 17.68
CA SER D 235 -16.73 14.45 18.83
C SER D 235 -17.85 15.27 19.48
N GLU D 236 -17.76 15.42 20.81
CA GLU D 236 -18.69 16.26 21.57
C GLU D 236 -18.57 17.72 21.15
N GLU D 237 -17.40 18.11 20.68
CA GLU D 237 -17.16 19.44 20.13
C GLU D 237 -18.02 19.68 18.90
N LYS D 238 -18.18 18.66 18.08
CA LYS D 238 -18.85 18.80 16.80
C LYS D 238 -20.33 18.44 16.89
N TYR D 239 -20.77 18.08 18.09
CA TYR D 239 -22.16 17.66 18.36
C TYR D 239 -23.23 18.56 17.74
N SER D 240 -23.15 19.86 18.00
CA SER D 240 -24.12 20.80 17.44
C SER D 240 -24.11 20.75 15.91
N GLY D 241 -22.93 20.74 15.31
CA GLY D 241 -22.84 20.69 13.88
C GLY D 241 -23.54 19.45 13.34
N ILE D 242 -23.23 18.30 13.94
CA ILE D 242 -23.74 17.01 13.47
C ILE D 242 -25.24 16.91 13.65
N ILE D 243 -25.72 17.31 14.82
CA ILE D 243 -27.14 17.21 15.10
C ILE D 243 -27.94 18.18 14.23
N GLY D 244 -27.37 19.35 13.97
CA GLY D 244 -28.02 20.32 13.10
C GLY D 244 -28.17 19.77 11.69
N ALA D 245 -27.12 19.11 11.21
CA ALA D 245 -27.11 18.51 9.87
C ALA D 245 -28.18 17.43 9.81
N LEU D 246 -28.25 16.63 10.86
CA LEU D 246 -29.28 15.61 10.94
C LEU D 246 -30.68 16.23 10.85
N ARG D 247 -30.95 17.21 11.71
CA ARG D 247 -32.28 17.80 11.78
C ARG D 247 -32.66 18.52 10.49
N GLY D 248 -31.68 19.12 9.82
CA GLY D 248 -31.92 19.79 8.56
C GLY D 248 -32.09 18.80 7.43
N LYS D 249 -31.75 17.55 7.72
CA LYS D 249 -31.70 16.49 6.70
C LYS D 249 -30.73 16.81 5.57
N TYR D 250 -29.64 17.52 5.88
CA TYR D 250 -28.60 17.72 4.90
C TYR D 250 -27.83 16.44 4.65
N ILE D 251 -27.86 15.54 5.62
CA ILE D 251 -27.35 14.20 5.42
C ILE D 251 -28.48 13.22 5.72
N ASN D 252 -28.47 12.05 5.08
CA ASN D 252 -29.43 11.02 5.45
C ASN D 252 -28.74 9.74 5.83
N CYS D 253 -27.41 9.81 5.94
CA CYS D 253 -26.59 8.72 6.45
C CYS D 253 -25.52 9.30 7.36
N LEU D 254 -25.12 8.55 8.38
CA LEU D 254 -24.11 9.06 9.30
C LEU D 254 -23.07 8.03 9.64
N VAL D 255 -21.81 8.43 9.48
CA VAL D 255 -20.70 7.60 9.92
C VAL D 255 -20.04 8.30 11.11
N THR D 256 -20.05 7.63 12.25
CA THR D 256 -19.57 8.26 13.47
C THR D 256 -19.05 7.25 14.49
N ASN D 257 -18.75 7.75 15.70
CA ASN D 257 -18.23 6.89 16.76
C ASN D 257 -19.27 6.77 17.87
N SER D 258 -19.05 5.81 18.78
CA SER D 258 -20.05 5.53 19.81
C SER D 258 -20.23 6.70 20.78
N SER D 259 -19.15 7.38 21.12
CA SER D 259 -19.24 8.54 22.00
C SER D 259 -20.25 9.56 21.49
N THR D 260 -20.10 9.91 20.22
CA THR D 260 -20.96 10.91 19.58
C THR D 260 -22.36 10.36 19.44
N ALA D 261 -22.43 9.09 19.06
CA ALA D 261 -23.70 8.43 18.92
C ALA D 261 -24.55 8.67 20.17
N GLU D 262 -23.96 8.38 21.33
CA GLU D 262 -24.71 8.49 22.58
C GLU D 262 -25.13 9.95 22.81
N LEU D 263 -24.20 10.87 22.60
CA LEU D 263 -24.55 12.29 22.66
C LEU D 263 -25.80 12.59 21.82
N LEU D 264 -25.89 11.99 20.64
CA LEU D 264 -26.98 12.26 19.71
C LEU D 264 -28.30 11.68 20.18
N LEU D 265 -28.22 10.65 21.01
CA LEU D 265 -29.41 9.93 21.47
C LEU D 265 -29.93 10.58 22.76
N LYS D 266 -29.08 11.37 23.41
CA LYS D 266 -29.48 12.15 24.57
C LYS D 266 -30.62 13.10 24.19
#